data_5VJ7
#
_entry.id   5VJ7
#
_cell.length_a   55.743
_cell.length_b   73.140
_cell.length_c   99.963
_cell.angle_alpha   90.00
_cell.angle_beta   96.73
_cell.angle_gamma   90.00
#
_symmetry.space_group_name_H-M   'P 1 21 1'
#
loop_
_entity.id
_entity.type
_entity.pdbx_description
1 polymer Oxidoreductase
2 polymer 'Ferredoxin-NADP(+) reductase subunit alpha'
3 non-polymer 'IRON/SULFUR CLUSTER'
4 non-polymer 'FLAVIN-ADENINE DINUCLEOTIDE'
5 non-polymer 'FE2/S2 (INORGANIC) CLUSTER'
6 non-polymer 'MAGNESIUM ION'
7 water water
#
loop_
_entity_poly.entity_id
_entity_poly.type
_entity_poly.pdbx_seq_one_letter_code
_entity_poly.pdbx_strand_id
1 'polypeptide(L)'
;MPRLIKERVPTPERSVGERVRDFGEVNLGYSWELALREAERCLQCPVEYAPCIKGCPVHINIPGFIKALRENRDNPSKAV
REALRIIWRDNTLPAITGRVCPQEEQCEGACVVGKVGDPINIGKLERFVADYAREHGIDDELLLEEIKGIKRNGKKVAII
GAGPAGLTCAADLAKMGYEVTIYEALHQPGGVLTYGIPEFRLPKEILRKELKKLSLLGVEIKTDHIVGKTITIQELLQEY
DAVFIGTGAGTPKLPNIPGINLNGIYSANEFLTRINLMKAYKFPEYDTPIVVGKKVVVIGAGNTAMDAARSALRLGAEVT
IAYRRGREDMTARIEEVKHAEEEGVKFMFFVNPVEFIGDENGNVKAVKFEKMKPLEERDSRGKRKIVGTGEYITVEADTV
IIAIGQTPNKVLWRATPELKVDEWGRIVVDENLMTSIPGVFAGGDAIRGEATVILAMGDGRKAAKAIHQYLSKKGN
;
A
2 'polypeptide(L)'
;MYKILEKKEIAMRNTWYKVYAPHVAKKVQPGQFVIVRAFPNGERIPLTPVMWDREEGWIVLIVFTRGKTTMRMAVELKEG
DSLLNVAGPLGTPVPMEKFGKILAIGAYTGIVEVYPIAKAWQEIGNDVTTLHVTFEPMVILKEELEKAVTRHIVEPVPLN
PNQDFLANMKNVSQRLKEKVRELLESEDWDLVFMVGPVGDQKQVFEVVKEYGVPMKVDLHPIMVDGTGMCGACRVTVGGE
VKFACVDGPEFDAYQVDWDELIHRVGFYAKLEKLALEKYMEELKAKGVI
;
B
#
# COMPACT_ATOMS: atom_id res chain seq x y z
N ILE A 5 -25.78 -36.50 -17.29
CA ILE A 5 -25.67 -36.30 -15.85
C ILE A 5 -26.31 -34.92 -15.53
N LYS A 6 -26.78 -34.73 -14.28
CA LYS A 6 -27.38 -33.47 -13.82
C LYS A 6 -26.33 -32.51 -13.17
N GLU A 7 -25.14 -32.37 -13.83
CA GLU A 7 -24.03 -31.52 -13.38
C GLU A 7 -24.30 -30.02 -13.43
N ARG A 8 -23.43 -29.18 -12.82
CA ARG A 8 -23.62 -27.74 -12.80
C ARG A 8 -23.26 -27.08 -14.12
N VAL A 9 -24.10 -26.10 -14.52
CA VAL A 9 -23.98 -25.36 -15.77
C VAL A 9 -22.62 -24.66 -15.77
N PRO A 10 -21.78 -24.79 -16.83
CA PRO A 10 -20.49 -24.10 -16.78
C PRO A 10 -20.63 -22.61 -17.13
N THR A 11 -19.54 -21.84 -16.94
CA THR A 11 -19.47 -20.41 -17.25
C THR A 11 -18.47 -20.22 -18.41
N PRO A 12 -18.75 -19.35 -19.40
CA PRO A 12 -17.76 -19.08 -20.45
C PRO A 12 -16.51 -18.34 -19.94
N GLU A 13 -15.35 -18.58 -20.59
CA GLU A 13 -14.08 -17.93 -20.25
C GLU A 13 -13.25 -17.68 -21.51
N ARG A 14 -12.50 -16.56 -21.53
CA ARG A 14 -11.58 -16.22 -22.62
C ARG A 14 -10.47 -17.27 -22.66
N SER A 15 -9.91 -17.54 -23.85
CA SER A 15 -8.84 -18.52 -24.04
C SER A 15 -7.53 -18.02 -23.42
N VAL A 16 -6.61 -18.94 -23.10
CA VAL A 16 -5.30 -18.64 -22.51
C VAL A 16 -4.54 -17.69 -23.43
N GLY A 17 -4.52 -18.02 -24.73
CA GLY A 17 -3.87 -17.24 -25.78
C GLY A 17 -4.19 -15.76 -25.77
N GLU A 18 -5.48 -15.41 -25.69
CA GLU A 18 -5.94 -14.01 -25.64
C GLU A 18 -5.69 -13.31 -24.31
N ARG A 19 -6.12 -13.93 -23.19
CA ARG A 19 -6.09 -13.35 -21.85
C ARG A 19 -4.67 -13.08 -21.28
N VAL A 20 -3.67 -13.93 -21.61
CA VAL A 20 -2.30 -13.74 -21.07
C VAL A 20 -1.62 -12.46 -21.59
N ARG A 21 -2.08 -11.88 -22.73
CA ARG A 21 -1.53 -10.66 -23.34
C ARG A 21 -2.08 -9.33 -22.74
N ASP A 22 -3.08 -9.43 -21.84
CA ASP A 22 -3.70 -8.27 -21.20
C ASP A 22 -4.13 -8.55 -19.76
N PHE A 23 -4.84 -7.60 -19.14
CA PHE A 23 -5.29 -7.70 -17.75
C PHE A 23 -6.83 -7.77 -17.63
N GLY A 24 -7.51 -8.12 -18.73
CA GLY A 24 -8.96 -8.22 -18.76
C GLY A 24 -9.53 -9.44 -18.04
N GLU A 25 -10.79 -9.32 -17.58
CA GLU A 25 -11.49 -10.37 -16.85
C GLU A 25 -11.55 -11.69 -17.63
N VAL A 26 -10.95 -12.73 -17.04
CA VAL A 26 -10.89 -14.10 -17.57
C VAL A 26 -12.29 -14.78 -17.68
N ASN A 27 -13.02 -14.89 -16.56
CA ASN A 27 -14.32 -15.55 -16.51
C ASN A 27 -15.45 -14.60 -16.87
N LEU A 28 -16.15 -14.91 -17.97
CA LEU A 28 -17.23 -14.09 -18.51
C LEU A 28 -18.58 -14.23 -17.76
N GLY A 29 -18.68 -15.19 -16.86
CA GLY A 29 -19.88 -15.39 -16.02
C GLY A 29 -21.12 -15.86 -16.73
N TYR A 30 -22.22 -16.06 -15.95
CA TYR A 30 -23.51 -16.53 -16.47
C TYR A 30 -24.27 -15.50 -17.22
N SER A 31 -25.03 -15.96 -18.22
CA SER A 31 -26.00 -15.18 -18.98
C SER A 31 -27.32 -15.41 -18.22
N TRP A 32 -28.39 -14.69 -18.60
CA TRP A 32 -29.71 -14.87 -17.99
C TRP A 32 -30.20 -16.29 -18.12
N GLU A 33 -30.00 -16.87 -19.32
CA GLU A 33 -30.35 -18.24 -19.72
C GLU A 33 -29.70 -19.33 -18.83
N LEU A 34 -28.35 -19.27 -18.69
CA LEU A 34 -27.55 -20.19 -17.87
C LEU A 34 -27.83 -20.05 -16.36
N ALA A 35 -28.09 -18.82 -15.90
CA ALA A 35 -28.44 -18.51 -14.51
C ALA A 35 -29.74 -19.21 -14.12
N LEU A 36 -30.79 -19.18 -14.98
CA LEU A 36 -32.08 -19.86 -14.73
C LEU A 36 -31.85 -21.37 -14.64
N ARG A 37 -31.08 -21.94 -15.60
CA ARG A 37 -30.74 -23.37 -15.65
C ARG A 37 -30.04 -23.85 -14.37
N GLU A 38 -29.11 -23.04 -13.82
CA GLU A 38 -28.39 -23.36 -12.58
C GLU A 38 -29.31 -23.12 -11.38
N ALA A 39 -30.22 -22.12 -11.48
CA ALA A 39 -31.16 -21.82 -10.39
C ALA A 39 -32.15 -22.96 -10.22
N GLU A 40 -32.59 -23.61 -11.32
CA GLU A 40 -33.57 -24.70 -11.25
C GLU A 40 -32.97 -26.05 -10.75
N ARG A 41 -31.65 -26.11 -10.49
CA ARG A 41 -30.97 -27.29 -9.94
C ARG A 41 -31.06 -27.38 -8.42
N CYS A 42 -31.19 -26.20 -7.76
CA CYS A 42 -31.34 -25.99 -6.31
C CYS A 42 -32.63 -26.70 -5.82
N LEU A 43 -32.53 -27.49 -4.72
CA LEU A 43 -33.66 -28.25 -4.14
C LEU A 43 -34.61 -27.43 -3.24
N GLN A 44 -34.36 -26.11 -3.09
CA GLN A 44 -35.13 -25.18 -2.26
C GLN A 44 -35.27 -25.65 -0.79
N CYS A 45 -34.14 -25.97 -0.15
CA CYS A 45 -34.06 -26.44 1.23
C CYS A 45 -34.66 -25.41 2.21
N PRO A 46 -35.51 -25.82 3.21
CA PRO A 46 -36.11 -24.86 4.14
C PRO A 46 -35.13 -23.81 4.71
N VAL A 47 -35.53 -22.54 4.60
CA VAL A 47 -34.78 -21.33 4.98
C VAL A 47 -34.11 -21.43 6.39
N GLU A 48 -34.74 -22.10 7.36
CA GLU A 48 -34.17 -22.15 8.71
C GLU A 48 -32.98 -23.11 8.87
N TYR A 49 -32.91 -24.20 8.09
CA TYR A 49 -31.79 -25.13 8.27
C TYR A 49 -31.01 -25.42 6.96
N ALA A 50 -31.29 -24.66 5.87
CA ALA A 50 -30.62 -24.78 4.57
C ALA A 50 -29.10 -24.64 4.83
N PRO A 51 -28.33 -25.75 4.64
CA PRO A 51 -26.90 -25.71 4.97
C PRO A 51 -26.09 -24.64 4.26
N CYS A 52 -26.47 -24.29 3.03
CA CYS A 52 -25.79 -23.26 2.24
C CYS A 52 -25.82 -21.91 2.98
N ILE A 53 -27.01 -21.51 3.53
CA ILE A 53 -27.20 -20.27 4.29
C ILE A 53 -26.23 -20.24 5.48
N LYS A 54 -26.15 -21.35 6.23
CA LYS A 54 -25.31 -21.55 7.41
C LYS A 54 -23.83 -21.38 7.04
N GLY A 55 -23.43 -21.94 5.90
CA GLY A 55 -22.09 -21.88 5.34
C GLY A 55 -21.62 -20.49 4.94
N CYS A 56 -22.56 -19.59 4.53
CA CYS A 56 -22.25 -18.20 4.16
C CYS A 56 -21.96 -17.41 5.43
N PRO A 57 -20.77 -16.79 5.58
CA PRO A 57 -20.48 -16.08 6.84
C PRO A 57 -21.51 -15.04 7.27
N VAL A 58 -22.27 -14.42 6.33
CA VAL A 58 -23.28 -13.39 6.67
C VAL A 58 -24.73 -13.92 6.53
N HIS A 59 -24.88 -15.22 6.22
CA HIS A 59 -26.14 -15.97 6.10
C HIS A 59 -27.13 -15.36 5.12
N ILE A 60 -26.76 -15.29 3.84
CA ILE A 60 -27.66 -14.80 2.79
C ILE A 60 -28.73 -15.90 2.55
N ASN A 61 -30.00 -15.48 2.33
CA ASN A 61 -31.09 -16.37 1.98
C ASN A 61 -30.80 -16.82 0.54
N ILE A 62 -30.00 -17.89 0.41
CA ILE A 62 -29.60 -18.45 -0.86
C ILE A 62 -30.81 -19.03 -1.62
N PRO A 63 -31.63 -19.99 -1.08
CA PRO A 63 -32.79 -20.44 -1.86
C PRO A 63 -33.79 -19.33 -2.15
N GLY A 64 -33.85 -18.31 -1.28
CA GLY A 64 -34.72 -17.16 -1.44
C GLY A 64 -34.44 -16.32 -2.66
N PHE A 65 -33.15 -16.09 -2.97
CA PHE A 65 -32.82 -15.30 -4.16
C PHE A 65 -32.86 -16.13 -5.42
N ILE A 66 -32.65 -17.46 -5.27
CA ILE A 66 -32.67 -18.45 -6.35
C ILE A 66 -34.11 -18.63 -6.85
N LYS A 67 -35.06 -18.85 -5.90
CA LYS A 67 -36.50 -19.00 -6.13
C LYS A 67 -37.06 -17.71 -6.76
N ALA A 68 -36.52 -16.53 -6.36
CA ALA A 68 -36.90 -15.20 -6.89
C ALA A 68 -36.68 -15.10 -8.40
N LEU A 69 -35.57 -15.69 -8.90
CA LEU A 69 -35.23 -15.75 -10.33
C LEU A 69 -36.17 -16.75 -11.05
N ARG A 70 -36.34 -17.94 -10.44
CA ARG A 70 -37.19 -19.02 -10.94
C ARG A 70 -38.66 -18.62 -11.13
N GLU A 71 -39.23 -17.79 -10.22
CA GLU A 71 -40.63 -17.36 -10.32
C GLU A 71 -40.86 -16.22 -11.32
N ASN A 72 -39.78 -15.49 -11.67
CA ASN A 72 -39.85 -14.37 -12.62
C ASN A 72 -39.03 -14.62 -13.87
N ARG A 73 -39.03 -15.88 -14.37
CA ARG A 73 -38.37 -16.27 -15.63
C ARG A 73 -38.92 -15.47 -16.81
N ASP A 74 -40.18 -14.96 -16.63
CA ASP A 74 -41.01 -14.11 -17.48
C ASP A 74 -40.30 -12.77 -17.77
N ASN A 75 -39.92 -12.02 -16.70
CA ASN A 75 -39.17 -10.76 -16.83
C ASN A 75 -37.86 -10.83 -16.04
N PRO A 76 -36.70 -10.70 -16.73
CA PRO A 76 -35.41 -10.79 -16.01
C PRO A 76 -35.12 -9.62 -15.08
N SER A 77 -35.49 -8.38 -15.51
CA SER A 77 -35.32 -7.17 -14.69
C SER A 77 -36.12 -7.25 -13.39
N LYS A 78 -37.32 -7.91 -13.42
CA LYS A 78 -38.14 -8.08 -12.21
C LYS A 78 -37.44 -9.03 -11.24
N ALA A 79 -37.02 -10.20 -11.76
CA ALA A 79 -36.32 -11.30 -11.08
C ALA A 79 -35.02 -10.87 -10.41
N VAL A 80 -34.24 -10.02 -11.11
CA VAL A 80 -32.96 -9.52 -10.60
C VAL A 80 -33.20 -8.50 -9.47
N ARG A 81 -34.15 -7.55 -9.63
CA ARG A 81 -34.55 -6.57 -8.61
C ARG A 81 -34.97 -7.31 -7.34
N GLU A 82 -35.75 -8.40 -7.50
CA GLU A 82 -36.22 -9.22 -6.37
C GLU A 82 -35.11 -10.02 -5.72
N ALA A 83 -34.28 -10.72 -6.52
CA ALA A 83 -33.15 -11.51 -6.01
C ALA A 83 -32.13 -10.60 -5.28
N LEU A 84 -31.86 -9.40 -5.87
CA LEU A 84 -30.93 -8.39 -5.37
C LEU A 84 -31.36 -7.77 -4.04
N ARG A 85 -32.65 -7.38 -3.91
CA ARG A 85 -33.23 -6.80 -2.67
C ARG A 85 -32.98 -7.76 -1.52
N ILE A 86 -33.11 -9.07 -1.78
CA ILE A 86 -32.89 -10.15 -0.82
C ILE A 86 -31.36 -10.24 -0.48
N ILE A 87 -30.46 -10.22 -1.50
CA ILE A 87 -29.01 -10.27 -1.28
C ILE A 87 -28.55 -9.04 -0.47
N TRP A 88 -28.99 -7.83 -0.88
CA TRP A 88 -28.68 -6.55 -0.24
C TRP A 88 -29.12 -6.44 1.22
N ARG A 89 -29.97 -7.36 1.71
CA ARG A 89 -30.40 -7.41 3.12
C ARG A 89 -29.24 -7.90 3.97
N ASP A 90 -28.44 -8.87 3.48
CA ASP A 90 -27.29 -9.42 4.20
C ASP A 90 -25.91 -9.06 3.62
N ASN A 91 -25.81 -8.79 2.29
CA ASN A 91 -24.53 -8.46 1.63
C ASN A 91 -24.62 -7.27 0.68
N THR A 92 -23.75 -6.27 0.84
CA THR A 92 -23.78 -5.10 -0.03
C THR A 92 -22.61 -5.08 -1.07
N LEU A 93 -21.81 -6.15 -1.15
CA LEU A 93 -20.78 -6.27 -2.18
C LEU A 93 -20.95 -7.61 -2.97
N PRO A 94 -22.20 -8.03 -3.40
CA PRO A 94 -22.36 -9.32 -4.10
C PRO A 94 -21.51 -9.56 -5.34
N ALA A 95 -21.11 -8.49 -6.07
CA ALA A 95 -20.31 -8.59 -7.29
C ALA A 95 -18.82 -8.91 -6.99
N ILE A 96 -18.38 -8.58 -5.77
CA ILE A 96 -17.02 -8.83 -5.36
C ILE A 96 -17.03 -10.21 -4.72
N THR A 97 -17.89 -10.43 -3.71
CA THR A 97 -18.01 -11.71 -2.98
C THR A 97 -18.34 -12.90 -3.89
N GLY A 98 -19.30 -12.74 -4.80
CA GLY A 98 -19.66 -13.78 -5.76
C GLY A 98 -18.51 -14.25 -6.66
N ARG A 99 -17.51 -13.38 -6.84
CA ARG A 99 -16.34 -13.60 -7.69
C ARG A 99 -15.12 -14.04 -6.89
N VAL A 100 -14.93 -13.51 -5.64
CA VAL A 100 -13.71 -13.76 -4.83
C VAL A 100 -13.92 -14.63 -3.56
N CYS A 101 -15.17 -14.92 -3.15
CA CYS A 101 -15.40 -15.77 -1.98
C CYS A 101 -14.78 -17.17 -2.18
N PRO A 102 -14.13 -17.81 -1.17
CA PRO A 102 -13.68 -19.20 -1.36
C PRO A 102 -14.89 -20.12 -1.07
N GLN A 103 -15.86 -20.17 -2.00
CA GLN A 103 -17.11 -20.93 -1.85
C GLN A 103 -16.94 -22.38 -1.41
N GLU A 104 -15.91 -23.08 -1.93
CA GLU A 104 -15.58 -24.47 -1.62
C GLU A 104 -15.53 -24.77 -0.11
N GLU A 105 -15.17 -23.76 0.72
CA GLU A 105 -15.10 -23.86 2.19
C GLU A 105 -16.28 -23.17 2.91
N GLN A 106 -17.28 -22.68 2.16
CA GLN A 106 -18.41 -21.91 2.70
C GLN A 106 -19.79 -22.39 2.20
N CYS A 107 -20.55 -21.53 1.48
CA CYS A 107 -21.89 -21.79 0.96
C CYS A 107 -21.99 -23.05 0.10
N GLU A 108 -21.17 -23.14 -0.95
CA GLU A 108 -21.14 -24.26 -1.89
C GLU A 108 -20.58 -25.54 -1.23
N GLY A 109 -19.68 -25.38 -0.26
CA GLY A 109 -19.07 -26.48 0.49
C GLY A 109 -20.09 -27.18 1.37
N ALA A 110 -21.13 -26.43 1.81
CA ALA A 110 -22.24 -26.86 2.66
C ALA A 110 -23.43 -27.40 1.88
N CYS A 111 -23.56 -27.02 0.58
CA CYS A 111 -24.65 -27.38 -0.32
C CYS A 111 -24.82 -28.92 -0.45
N VAL A 112 -26.04 -29.43 -0.11
CA VAL A 112 -26.44 -30.86 -0.09
C VAL A 112 -26.16 -31.60 -1.39
N VAL A 113 -26.41 -30.93 -2.53
CA VAL A 113 -26.23 -31.47 -3.88
C VAL A 113 -24.73 -31.84 -4.10
N GLY A 114 -23.86 -31.25 -3.29
CA GLY A 114 -22.42 -31.50 -3.33
C GLY A 114 -22.03 -32.87 -2.83
N LYS A 115 -22.82 -33.42 -1.90
CA LYS A 115 -22.60 -34.75 -1.30
C LYS A 115 -22.70 -35.86 -2.36
N VAL A 116 -23.65 -35.73 -3.30
CA VAL A 116 -23.86 -36.64 -4.41
C VAL A 116 -24.13 -35.75 -5.64
N GLY A 117 -23.05 -35.37 -6.30
CA GLY A 117 -23.04 -34.50 -7.45
C GLY A 117 -22.25 -33.24 -7.19
N ASP A 118 -22.46 -32.21 -8.02
CA ASP A 118 -21.79 -30.90 -7.90
C ASP A 118 -22.65 -29.96 -7.08
N PRO A 119 -22.11 -29.17 -6.13
CA PRO A 119 -22.97 -28.21 -5.41
C PRO A 119 -23.39 -27.06 -6.31
N ILE A 120 -24.50 -26.39 -5.96
CA ILE A 120 -25.05 -25.25 -6.71
C ILE A 120 -24.03 -24.12 -6.76
N ASN A 121 -23.82 -23.53 -7.95
CA ASN A 121 -22.89 -22.41 -8.15
C ASN A 121 -23.49 -21.08 -7.63
N ILE A 122 -23.59 -20.98 -6.30
CA ILE A 122 -24.16 -19.85 -5.55
C ILE A 122 -23.41 -18.53 -5.81
N GLY A 123 -22.07 -18.61 -5.87
CA GLY A 123 -21.21 -17.48 -6.16
C GLY A 123 -21.48 -16.85 -7.52
N LYS A 124 -21.52 -17.69 -8.61
CA LYS A 124 -21.79 -17.15 -9.96
C LYS A 124 -23.23 -16.67 -10.16
N LEU A 125 -24.20 -17.24 -9.40
CA LEU A 125 -25.62 -16.85 -9.43
C LEU A 125 -25.81 -15.54 -8.68
N GLU A 126 -25.00 -15.30 -7.63
CA GLU A 126 -25.03 -14.06 -6.85
C GLU A 126 -24.34 -12.97 -7.69
N ARG A 127 -23.24 -13.33 -8.37
CA ARG A 127 -22.46 -12.45 -9.22
C ARG A 127 -23.33 -11.99 -10.37
N PHE A 128 -24.03 -12.96 -11.06
CA PHE A 128 -24.95 -12.69 -12.16
C PHE A 128 -26.00 -11.65 -11.74
N VAL A 129 -26.65 -11.86 -10.59
CA VAL A 129 -27.65 -10.92 -10.06
C VAL A 129 -27.09 -9.51 -9.99
N ALA A 130 -25.90 -9.35 -9.37
CA ALA A 130 -25.19 -8.07 -9.22
C ALA A 130 -24.78 -7.44 -10.57
N ASP A 131 -24.07 -8.19 -11.44
CA ASP A 131 -23.63 -7.70 -12.74
C ASP A 131 -24.82 -7.32 -13.64
N TYR A 132 -25.89 -8.15 -13.67
CA TYR A 132 -27.09 -7.84 -14.45
C TYR A 132 -27.66 -6.52 -13.91
N ALA A 133 -27.86 -6.42 -12.56
CA ALA A 133 -28.37 -5.19 -11.92
C ALA A 133 -27.53 -3.96 -12.25
N ARG A 134 -26.19 -4.09 -12.21
CA ARG A 134 -25.26 -2.99 -12.49
C ARG A 134 -25.29 -2.56 -13.97
N GLU A 135 -25.31 -3.54 -14.90
CA GLU A 135 -25.35 -3.27 -16.33
C GLU A 135 -26.71 -2.71 -16.80
N HIS A 136 -27.82 -3.26 -16.30
CA HIS A 136 -29.18 -2.85 -16.66
C HIS A 136 -29.73 -1.70 -15.80
N GLY A 137 -28.89 -1.15 -14.91
CA GLY A 137 -29.24 -0.03 -14.03
C GLY A 137 -30.27 -0.29 -12.94
N ILE A 138 -30.51 -1.56 -12.58
CA ILE A 138 -31.47 -1.98 -11.55
C ILE A 138 -31.03 -1.51 -10.13
N ASP A 139 -29.73 -1.62 -9.82
CA ASP A 139 -29.15 -1.20 -8.54
C ASP A 139 -29.23 0.34 -8.38
N ASP A 140 -29.15 1.09 -9.50
CA ASP A 140 -29.28 2.55 -9.55
C ASP A 140 -30.69 2.97 -9.13
N GLU A 141 -31.72 2.26 -9.64
CA GLU A 141 -33.14 2.50 -9.33
C GLU A 141 -33.38 2.34 -7.81
N LEU A 142 -32.87 1.24 -7.23
CA LEU A 142 -33.03 0.94 -5.81
C LEU A 142 -32.29 1.93 -4.91
N LEU A 143 -31.05 2.29 -5.28
CA LEU A 143 -30.26 3.24 -4.51
C LEU A 143 -30.97 4.59 -4.43
N LEU A 144 -31.45 5.13 -5.57
CA LEU A 144 -32.19 6.40 -5.63
C LEU A 144 -33.48 6.32 -4.80
N GLU A 145 -34.10 5.13 -4.77
CA GLU A 145 -35.30 4.83 -3.99
C GLU A 145 -34.97 4.97 -2.47
N GLU A 146 -33.75 4.52 -2.06
CA GLU A 146 -33.25 4.63 -0.68
C GLU A 146 -32.98 6.09 -0.31
N ILE A 147 -32.18 6.81 -1.13
CA ILE A 147 -31.77 8.22 -0.95
C ILE A 147 -32.98 9.18 -0.71
N LYS A 148 -34.14 8.93 -1.35
CA LYS A 148 -35.35 9.75 -1.19
C LYS A 148 -35.88 9.74 0.26
N GLY A 149 -35.94 8.55 0.85
CA GLY A 149 -36.37 8.35 2.23
C GLY A 149 -35.26 8.38 3.26
N ILE A 150 -34.21 9.22 3.03
CA ILE A 150 -33.09 9.39 3.94
C ILE A 150 -33.19 10.74 4.61
N LYS A 151 -33.30 10.74 5.96
CA LYS A 151 -33.33 11.96 6.74
C LYS A 151 -32.13 12.04 7.68
N ARG A 152 -31.44 13.20 7.64
CA ARG A 152 -30.27 13.51 8.47
C ARG A 152 -30.62 13.40 9.95
N ASN A 153 -29.62 13.06 10.79
CA ASN A 153 -29.87 12.95 12.24
C ASN A 153 -28.90 13.83 13.06
N GLY A 154 -28.30 14.82 12.40
CA GLY A 154 -27.35 15.76 13.00
C GLY A 154 -26.03 15.18 13.46
N LYS A 155 -25.93 13.81 13.58
CA LYS A 155 -24.75 13.09 14.08
C LYS A 155 -23.72 12.68 13.02
N LYS A 156 -22.42 12.91 13.36
CA LYS A 156 -21.23 12.63 12.54
C LYS A 156 -20.51 11.36 12.98
N VAL A 157 -19.96 10.59 12.00
CA VAL A 157 -19.15 9.37 12.22
C VAL A 157 -17.90 9.38 11.32
N ALA A 158 -16.71 9.16 11.93
CA ALA A 158 -15.42 9.05 11.24
C ALA A 158 -15.13 7.59 10.99
N ILE A 159 -14.54 7.27 9.83
CA ILE A 159 -14.22 5.91 9.45
C ILE A 159 -12.75 5.83 9.05
N ILE A 160 -11.95 5.03 9.77
CA ILE A 160 -10.52 4.90 9.46
C ILE A 160 -10.28 3.74 8.48
N GLY A 161 -9.93 4.07 7.24
CA GLY A 161 -9.69 3.05 6.22
C GLY A 161 -10.81 2.93 5.21
N ALA A 162 -10.45 2.92 3.93
CA ALA A 162 -11.42 2.88 2.84
C ALA A 162 -11.49 1.54 2.07
N GLY A 163 -11.20 0.42 2.75
CA GLY A 163 -11.29 -0.91 2.17
C GLY A 163 -12.72 -1.41 2.19
N PRO A 164 -13.00 -2.73 1.95
CA PRO A 164 -14.40 -3.21 1.98
C PRO A 164 -15.13 -3.04 3.34
N ALA A 165 -14.40 -3.16 4.49
CA ALA A 165 -14.97 -2.97 5.83
C ALA A 165 -15.48 -1.52 6.03
N GLY A 166 -14.60 -0.54 5.78
CA GLY A 166 -14.91 0.89 5.91
C GLY A 166 -15.94 1.40 4.93
N LEU A 167 -15.88 0.95 3.65
CA LEU A 167 -16.81 1.34 2.57
C LEU A 167 -18.25 0.91 2.91
N THR A 168 -18.41 -0.36 3.37
CA THR A 168 -19.69 -0.95 3.81
C THR A 168 -20.26 -0.24 5.04
N CYS A 169 -19.41 0.01 6.07
CA CYS A 169 -19.84 0.70 7.29
C CYS A 169 -20.45 2.10 6.94
N ALA A 170 -19.72 2.92 6.13
CA ALA A 170 -20.12 4.26 5.66
C ALA A 170 -21.45 4.25 4.91
N ALA A 171 -21.59 3.36 3.91
CA ALA A 171 -22.83 3.23 3.12
C ALA A 171 -24.08 3.03 4.04
N ASP A 172 -24.01 2.08 4.98
CA ASP A 172 -25.08 1.72 5.91
C ASP A 172 -25.41 2.84 6.92
N LEU A 173 -24.39 3.58 7.40
CA LEU A 173 -24.61 4.71 8.31
C LEU A 173 -25.25 5.88 7.54
N ALA A 174 -24.81 6.15 6.28
CA ALA A 174 -25.37 7.22 5.44
C ALA A 174 -26.89 7.01 5.26
N LYS A 175 -27.29 5.73 5.01
CA LYS A 175 -28.66 5.24 4.86
C LYS A 175 -29.50 5.50 6.11
N MET A 176 -28.80 5.58 7.28
CA MET A 176 -29.34 5.82 8.61
C MET A 176 -29.36 7.33 8.96
N GLY A 177 -28.89 8.19 8.05
CA GLY A 177 -28.91 9.63 8.26
C GLY A 177 -27.69 10.28 8.88
N TYR A 178 -26.62 9.50 9.12
CA TYR A 178 -25.37 10.01 9.69
C TYR A 178 -24.54 10.84 8.67
N GLU A 179 -23.69 11.77 9.16
CA GLU A 179 -22.81 12.62 8.38
C GLU A 179 -21.41 11.96 8.41
N VAL A 180 -21.19 10.96 7.52
CA VAL A 180 -19.99 10.11 7.48
C VAL A 180 -18.77 10.71 6.75
N THR A 181 -17.57 10.58 7.39
CA THR A 181 -16.27 10.96 6.83
C THR A 181 -15.24 9.80 6.92
N ILE A 182 -14.72 9.34 5.76
CA ILE A 182 -13.70 8.29 5.68
C ILE A 182 -12.31 8.93 5.59
N TYR A 183 -11.37 8.45 6.41
CA TYR A 183 -9.97 8.87 6.42
C TYR A 183 -9.15 7.75 5.76
N GLU A 184 -8.57 8.06 4.59
CA GLU A 184 -7.78 7.09 3.82
C GLU A 184 -6.32 7.55 3.61
N ALA A 185 -5.36 6.67 4.00
CA ALA A 185 -3.91 6.89 3.91
C ALA A 185 -3.38 7.02 2.47
N LEU A 186 -3.94 6.23 1.53
CA LEU A 186 -3.52 6.28 0.13
C LEU A 186 -4.30 7.34 -0.67
N HIS A 187 -3.87 7.60 -1.93
CA HIS A 187 -4.49 8.62 -2.79
C HIS A 187 -5.80 8.17 -3.44
N GLN A 188 -6.15 6.88 -3.28
CA GLN A 188 -7.37 6.32 -3.79
C GLN A 188 -8.02 5.38 -2.78
N PRO A 189 -9.37 5.44 -2.61
CA PRO A 189 -10.03 4.49 -1.70
C PRO A 189 -10.14 3.09 -2.33
N GLY A 190 -10.60 2.10 -1.53
CA GLY A 190 -10.74 0.72 -1.99
C GLY A 190 -9.92 -0.30 -1.21
N GLY A 191 -8.77 0.12 -0.68
CA GLY A 191 -7.86 -0.75 0.05
C GLY A 191 -7.30 -1.81 -0.88
N VAL A 192 -7.50 -3.08 -0.54
CA VAL A 192 -7.01 -4.17 -1.38
C VAL A 192 -7.77 -4.22 -2.73
N LEU A 193 -9.02 -3.71 -2.75
CA LEU A 193 -9.82 -3.69 -3.98
C LEU A 193 -9.18 -2.73 -5.00
N THR A 194 -8.33 -1.76 -4.53
CA THR A 194 -7.65 -0.77 -5.39
C THR A 194 -6.14 -1.06 -5.62
N TYR A 195 -5.47 -1.84 -4.76
CA TYR A 195 -4.04 -2.13 -4.90
C TYR A 195 -3.70 -3.62 -5.00
N GLY A 196 -4.56 -4.49 -4.49
CA GLY A 196 -4.30 -5.93 -4.40
C GLY A 196 -4.86 -6.82 -5.47
N ILE A 197 -6.20 -7.00 -5.49
CA ILE A 197 -6.86 -7.89 -6.46
C ILE A 197 -6.85 -7.28 -7.86
N PRO A 198 -6.29 -8.00 -8.87
CA PRO A 198 -6.21 -7.46 -10.22
C PRO A 198 -7.49 -7.52 -11.02
N GLU A 199 -7.45 -6.86 -12.19
CA GLU A 199 -8.50 -6.72 -13.19
C GLU A 199 -8.94 -8.02 -13.82
N PHE A 200 -8.01 -8.99 -13.96
CA PHE A 200 -8.32 -10.30 -14.54
C PHE A 200 -9.21 -11.17 -13.65
N ARG A 201 -9.39 -10.74 -12.40
CA ARG A 201 -10.22 -11.39 -11.40
C ARG A 201 -11.40 -10.48 -11.06
N LEU A 202 -11.14 -9.18 -10.95
CA LEU A 202 -12.09 -8.17 -10.51
C LEU A 202 -12.02 -6.91 -11.41
N PRO A 203 -12.98 -6.76 -12.36
CA PRO A 203 -12.97 -5.57 -13.23
C PRO A 203 -13.10 -4.31 -12.38
N LYS A 204 -12.28 -3.28 -12.68
CA LYS A 204 -12.24 -2.04 -11.89
C LYS A 204 -13.58 -1.26 -11.88
N GLU A 205 -14.54 -1.66 -12.75
CA GLU A 205 -15.88 -1.09 -12.88
C GLU A 205 -16.69 -1.26 -11.60
N ILE A 206 -16.55 -2.42 -10.91
CA ILE A 206 -17.24 -2.67 -9.63
C ILE A 206 -16.86 -1.62 -8.57
N LEU A 207 -15.52 -1.40 -8.33
CA LEU A 207 -15.03 -0.40 -7.37
C LEU A 207 -15.48 1.01 -7.72
N ARG A 208 -15.29 1.44 -8.99
CA ARG A 208 -15.71 2.76 -9.52
C ARG A 208 -17.21 3.01 -9.29
N LYS A 209 -18.06 1.97 -9.46
CA LYS A 209 -19.50 2.05 -9.25
C LYS A 209 -19.80 2.12 -7.74
N GLU A 210 -19.02 1.40 -6.89
CA GLU A 210 -19.21 1.41 -5.43
C GLU A 210 -18.93 2.80 -4.83
N LEU A 211 -17.93 3.52 -5.37
CA LEU A 211 -17.57 4.86 -4.90
C LEU A 211 -18.60 5.90 -5.40
N LYS A 212 -19.32 5.57 -6.49
CA LYS A 212 -20.39 6.42 -7.03
C LYS A 212 -21.59 6.40 -6.05
N LYS A 213 -21.95 5.19 -5.55
CA LYS A 213 -23.02 4.98 -4.56
C LYS A 213 -22.79 5.81 -3.27
N LEU A 214 -21.53 5.82 -2.76
CA LEU A 214 -21.13 6.54 -1.56
C LEU A 214 -21.08 8.05 -1.79
N SER A 215 -20.72 8.49 -3.01
CA SER A 215 -20.73 9.90 -3.40
C SER A 215 -22.19 10.35 -3.59
N LEU A 216 -23.08 9.41 -3.89
CA LEU A 216 -24.50 9.71 -4.03
C LEU A 216 -25.13 9.75 -2.66
N LEU A 217 -24.68 8.84 -1.74
CA LEU A 217 -25.15 8.75 -0.35
C LEU A 217 -24.65 9.88 0.55
N GLY A 218 -23.78 10.74 0.01
CA GLY A 218 -23.23 11.89 0.71
C GLY A 218 -21.99 11.64 1.55
N VAL A 219 -21.38 10.46 1.45
CA VAL A 219 -20.18 10.23 2.26
C VAL A 219 -18.97 10.95 1.63
N GLU A 220 -18.13 11.54 2.49
CA GLU A 220 -16.92 12.28 2.10
C GLU A 220 -15.67 11.41 2.37
N ILE A 221 -14.77 11.32 1.39
CA ILE A 221 -13.52 10.53 1.53
C ILE A 221 -12.30 11.46 1.56
N LYS A 222 -11.60 11.47 2.70
CA LYS A 222 -10.41 12.27 2.95
C LYS A 222 -9.16 11.43 2.62
N THR A 223 -8.66 11.53 1.37
CA THR A 223 -7.45 10.78 1.00
C THR A 223 -6.19 11.48 1.52
N ASP A 224 -5.03 10.74 1.57
CA ASP A 224 -3.72 11.24 2.03
C ASP A 224 -3.71 11.59 3.55
N HIS A 225 -4.65 10.98 4.30
CA HIS A 225 -4.83 11.15 5.74
C HIS A 225 -4.51 9.84 6.45
N ILE A 226 -3.35 9.82 7.11
CA ILE A 226 -2.84 8.69 7.88
C ILE A 226 -3.19 8.89 9.36
N VAL A 227 -4.24 8.19 9.84
CA VAL A 227 -4.62 8.26 11.25
C VAL A 227 -3.45 7.68 12.05
N GLY A 228 -3.04 8.43 13.07
CA GLY A 228 -1.89 8.14 13.90
C GLY A 228 -0.76 9.11 13.62
N LYS A 229 -0.84 9.83 12.47
CA LYS A 229 0.18 10.78 12.02
C LYS A 229 -0.44 12.13 11.71
N THR A 230 -1.30 12.21 10.67
CA THR A 230 -2.05 13.37 10.21
C THR A 230 -2.97 13.86 11.32
N ILE A 231 -3.68 12.92 11.95
CA ILE A 231 -4.67 13.14 13.01
C ILE A 231 -4.68 11.90 13.90
N THR A 232 -5.03 12.06 15.18
CA THR A 232 -5.11 10.93 16.08
C THR A 232 -6.57 10.59 16.40
N ILE A 233 -6.81 9.39 16.97
CA ILE A 233 -8.14 8.89 17.38
C ILE A 233 -8.80 9.85 18.40
N GLN A 234 -8.00 10.36 19.36
CA GLN A 234 -8.42 11.30 20.40
C GLN A 234 -8.99 12.55 19.75
N GLU A 235 -8.25 13.12 18.77
CA GLU A 235 -8.62 14.30 17.99
C GLU A 235 -9.93 14.05 17.24
N LEU A 236 -10.06 12.85 16.61
CA LEU A 236 -11.26 12.38 15.90
C LEU A 236 -12.44 12.27 16.84
N LEU A 237 -12.20 11.80 18.10
CA LEU A 237 -13.23 11.65 19.13
C LEU A 237 -13.80 12.99 19.56
N GLN A 238 -12.96 14.05 19.49
CA GLN A 238 -13.34 15.42 19.81
C GLN A 238 -14.23 16.05 18.73
N GLU A 239 -14.31 15.45 17.53
CA GLU A 239 -15.11 16.01 16.42
C GLU A 239 -16.27 15.10 16.01
N TYR A 240 -16.11 13.79 16.19
CA TYR A 240 -17.12 12.83 15.77
C TYR A 240 -17.78 12.14 16.94
N ASP A 241 -19.09 11.82 16.78
CA ASP A 241 -19.89 11.13 17.81
C ASP A 241 -19.44 9.69 18.00
N ALA A 242 -18.92 9.08 16.91
CA ALA A 242 -18.40 7.72 16.82
C ALA A 242 -17.27 7.62 15.77
N VAL A 243 -16.44 6.56 15.90
CA VAL A 243 -15.31 6.18 15.03
C VAL A 243 -15.48 4.67 14.75
N PHE A 244 -15.02 4.20 13.56
CA PHE A 244 -14.95 2.80 13.16
C PHE A 244 -13.56 2.57 12.52
N ILE A 245 -12.75 1.67 13.11
CA ILE A 245 -11.42 1.35 12.58
C ILE A 245 -11.52 0.18 11.62
N GLY A 246 -11.16 0.40 10.37
CA GLY A 246 -11.13 -0.62 9.32
C GLY A 246 -9.82 -0.55 8.55
N THR A 247 -8.67 -0.56 9.26
CA THR A 247 -7.32 -0.38 8.71
C THR A 247 -6.67 -1.64 8.08
N GLY A 248 -7.35 -2.79 8.13
CA GLY A 248 -6.87 -4.02 7.51
C GLY A 248 -5.62 -4.62 8.14
N ALA A 249 -4.81 -5.32 7.33
CA ALA A 249 -3.57 -6.02 7.74
C ALA A 249 -2.53 -6.07 6.58
N GLY A 250 -2.15 -4.90 6.07
CA GLY A 250 -1.24 -4.73 4.94
C GLY A 250 0.26 -4.71 5.16
N THR A 251 0.78 -5.05 6.35
CA THR A 251 2.25 -5.08 6.49
C THR A 251 2.77 -6.42 5.98
N PRO A 252 3.70 -6.47 4.99
CA PRO A 252 4.16 -7.78 4.50
C PRO A 252 5.13 -8.52 5.42
N LYS A 253 4.91 -9.85 5.56
CA LYS A 253 5.81 -10.73 6.30
C LYS A 253 7.03 -10.98 5.39
N LEU A 254 8.22 -10.57 5.84
CA LEU A 254 9.43 -10.76 5.06
C LEU A 254 10.44 -11.59 5.83
N PRO A 255 10.90 -12.73 5.28
CA PRO A 255 11.87 -13.56 6.03
C PRO A 255 13.26 -12.92 6.17
N ASN A 256 13.81 -12.88 7.41
CA ASN A 256 15.15 -12.31 7.63
C ASN A 256 16.20 -13.40 7.48
N ILE A 257 16.42 -13.81 6.23
CA ILE A 257 17.36 -14.85 5.80
C ILE A 257 18.39 -14.21 4.85
N PRO A 258 19.61 -14.81 4.65
CA PRO A 258 20.60 -14.19 3.74
C PRO A 258 20.01 -13.92 2.35
N GLY A 259 20.16 -12.68 1.89
CA GLY A 259 19.73 -12.24 0.58
C GLY A 259 18.43 -11.48 0.43
N ILE A 260 17.60 -11.39 1.48
CA ILE A 260 16.28 -10.70 1.45
C ILE A 260 16.30 -9.31 0.76
N ASN A 261 17.44 -8.58 0.79
CA ASN A 261 17.54 -7.23 0.20
C ASN A 261 18.31 -7.15 -1.12
N LEU A 262 18.39 -8.26 -1.89
CA LEU A 262 19.02 -8.21 -3.21
C LEU A 262 18.04 -7.53 -4.17
N ASN A 263 18.56 -6.97 -5.27
CA ASN A 263 17.72 -6.36 -6.28
C ASN A 263 16.93 -7.49 -6.98
N GLY A 264 15.69 -7.19 -7.34
CA GLY A 264 14.81 -8.19 -7.94
C GLY A 264 13.85 -8.81 -6.94
N ILE A 265 14.12 -8.68 -5.61
CA ILE A 265 13.25 -9.22 -4.55
C ILE A 265 12.23 -8.18 -4.11
N TYR A 266 10.93 -8.47 -4.41
CA TYR A 266 9.75 -7.65 -4.14
C TYR A 266 8.88 -8.38 -3.15
N SER A 267 8.07 -7.64 -2.40
CA SER A 267 7.02 -8.22 -1.59
C SER A 267 5.86 -8.20 -2.60
N ALA A 268 4.86 -9.07 -2.45
CA ALA A 268 3.73 -9.09 -3.39
C ALA A 268 2.92 -7.80 -3.34
N ASN A 269 2.78 -7.21 -2.13
CA ASN A 269 2.08 -5.95 -1.89
C ASN A 269 2.63 -4.81 -2.74
N GLU A 270 3.98 -4.70 -2.85
CA GLU A 270 4.68 -3.68 -3.63
C GLU A 270 4.40 -3.92 -5.10
N PHE A 271 4.70 -5.15 -5.56
CA PHE A 271 4.56 -5.62 -6.92
C PHE A 271 3.13 -5.42 -7.44
N LEU A 272 2.13 -5.70 -6.60
CA LEU A 272 0.74 -5.51 -6.97
C LEU A 272 0.34 -4.03 -6.86
N THR A 273 0.89 -3.25 -5.88
CA THR A 273 0.56 -1.81 -5.76
C THR A 273 1.00 -1.06 -7.04
N ARG A 274 2.19 -1.40 -7.57
CA ARG A 274 2.79 -0.81 -8.78
C ARG A 274 1.96 -1.13 -10.01
N ILE A 275 1.35 -2.32 -10.07
CA ILE A 275 0.51 -2.75 -11.18
C ILE A 275 -0.93 -2.23 -11.05
N ASN A 276 -1.61 -2.58 -9.95
CA ASN A 276 -3.02 -2.24 -9.70
C ASN A 276 -3.24 -0.77 -9.47
N LEU A 277 -2.62 -0.17 -8.43
CA LEU A 277 -2.82 1.25 -8.12
C LEU A 277 -2.05 2.22 -9.03
N MET A 278 -0.80 1.88 -9.39
CA MET A 278 0.11 2.74 -10.15
C MET A 278 0.17 2.49 -11.65
N LYS A 279 -0.38 1.35 -12.14
CA LYS A 279 -0.45 0.99 -13.57
C LYS A 279 0.93 1.05 -14.25
N ALA A 280 1.97 0.48 -13.58
CA ALA A 280 3.36 0.46 -14.03
C ALA A 280 3.58 -0.30 -15.34
N TYR A 281 2.77 -1.35 -15.60
CA TYR A 281 2.83 -2.12 -16.85
C TYR A 281 2.60 -1.24 -18.10
N LYS A 282 1.92 -0.07 -17.91
CA LYS A 282 1.64 0.96 -18.91
C LYS A 282 2.78 2.03 -18.92
N PHE A 283 3.96 1.73 -18.34
CA PHE A 283 5.11 2.66 -18.34
C PHE A 283 5.67 2.75 -19.78
N PRO A 284 5.91 3.97 -20.36
CA PRO A 284 5.95 5.28 -19.70
C PRO A 284 4.70 6.18 -19.78
N GLU A 285 3.51 5.66 -20.19
CA GLU A 285 2.27 6.46 -20.20
C GLU A 285 1.89 6.81 -18.73
N TYR A 286 2.30 5.94 -17.81
CA TYR A 286 2.18 6.09 -16.38
C TYR A 286 3.63 6.23 -15.91
N ASP A 287 3.86 7.02 -14.86
CA ASP A 287 5.21 7.32 -14.44
C ASP A 287 5.87 6.30 -13.51
N THR A 288 5.10 5.43 -12.82
CA THR A 288 5.66 4.45 -11.88
C THR A 288 6.35 3.30 -12.63
N PRO A 289 7.66 3.07 -12.40
CA PRO A 289 8.33 1.96 -13.10
C PRO A 289 8.11 0.61 -12.40
N ILE A 290 8.46 -0.49 -13.09
CA ILE A 290 8.46 -1.86 -12.59
C ILE A 290 9.49 -2.68 -13.37
N VAL A 291 10.39 -3.40 -12.65
CA VAL A 291 11.39 -4.27 -13.28
C VAL A 291 10.95 -5.72 -13.09
N VAL A 292 10.77 -6.42 -14.21
CA VAL A 292 10.40 -7.82 -14.25
C VAL A 292 11.47 -8.55 -15.06
N GLY A 293 11.98 -9.65 -14.52
CA GLY A 293 13.01 -10.45 -15.16
C GLY A 293 12.49 -11.46 -16.17
N LYS A 294 13.40 -12.25 -16.75
CA LYS A 294 13.06 -13.29 -17.71
C LYS A 294 12.41 -14.46 -16.96
N LYS A 295 12.90 -14.77 -15.72
CA LYS A 295 12.44 -15.89 -14.87
C LYS A 295 12.05 -15.40 -13.47
N VAL A 296 10.77 -15.58 -13.12
CA VAL A 296 10.20 -15.20 -11.82
C VAL A 296 9.84 -16.44 -10.99
N VAL A 297 10.19 -16.39 -9.69
CA VAL A 297 9.88 -17.36 -8.64
C VAL A 297 9.03 -16.58 -7.63
N VAL A 298 7.83 -17.10 -7.32
CA VAL A 298 6.91 -16.50 -6.33
C VAL A 298 6.93 -17.42 -5.10
N ILE A 299 7.15 -16.84 -3.89
CA ILE A 299 7.21 -17.58 -2.63
C ILE A 299 5.83 -17.52 -1.94
N GLY A 300 5.19 -18.68 -1.78
CA GLY A 300 3.86 -18.78 -1.21
C GLY A 300 2.85 -19.34 -2.18
N ALA A 301 1.62 -19.60 -1.70
CA ALA A 301 0.56 -20.20 -2.52
C ALA A 301 -0.85 -19.78 -2.15
N GLY A 302 -0.99 -18.60 -1.56
CA GLY A 302 -2.29 -18.00 -1.28
C GLY A 302 -2.78 -17.23 -2.49
N ASN A 303 -3.91 -16.52 -2.35
CA ASN A 303 -4.49 -15.71 -3.43
C ASN A 303 -3.51 -14.64 -3.94
N THR A 304 -2.78 -14.01 -2.99
CA THR A 304 -1.78 -12.96 -3.18
C THR A 304 -0.66 -13.47 -4.11
N ALA A 305 -0.23 -14.73 -3.94
CA ALA A 305 0.80 -15.37 -4.75
C ALA A 305 0.26 -15.67 -6.13
N MET A 306 -1.02 -16.08 -6.23
CA MET A 306 -1.66 -16.38 -7.52
C MET A 306 -1.73 -15.10 -8.35
N ASP A 307 -2.20 -14.00 -7.73
CA ASP A 307 -2.30 -12.67 -8.31
C ASP A 307 -0.94 -12.16 -8.77
N ALA A 308 0.09 -12.33 -7.96
CA ALA A 308 1.43 -11.89 -8.30
C ALA A 308 2.01 -12.72 -9.45
N ALA A 309 1.97 -14.06 -9.34
CA ALA A 309 2.47 -14.97 -10.37
C ALA A 309 1.78 -14.73 -11.72
N ARG A 310 0.41 -14.61 -11.72
CA ARG A 310 -0.41 -14.36 -12.91
C ARG A 310 -0.15 -12.99 -13.50
N SER A 311 0.14 -11.99 -12.65
CA SER A 311 0.48 -10.65 -13.14
C SER A 311 1.85 -10.66 -13.81
N ALA A 312 2.85 -11.33 -13.21
CA ALA A 312 4.20 -11.44 -13.76
C ALA A 312 4.21 -12.05 -15.18
N LEU A 313 3.47 -13.15 -15.43
CA LEU A 313 3.42 -13.75 -16.76
C LEU A 313 2.83 -12.80 -17.81
N ARG A 314 1.89 -11.90 -17.42
CA ARG A 314 1.31 -10.89 -18.33
C ARG A 314 2.33 -9.81 -18.74
N LEU A 315 3.52 -9.87 -18.15
CA LEU A 315 4.63 -8.98 -18.41
C LEU A 315 5.76 -9.77 -19.12
N GLY A 316 5.41 -10.94 -19.65
CA GLY A 316 6.28 -11.80 -20.45
C GLY A 316 7.22 -12.74 -19.73
N ALA A 317 7.24 -12.69 -18.40
CA ALA A 317 8.09 -13.53 -17.59
C ALA A 317 7.61 -15.01 -17.53
N GLU A 318 8.55 -15.92 -17.27
CA GLU A 318 8.22 -17.32 -17.07
C GLU A 318 8.16 -17.44 -15.55
N VAL A 319 7.04 -17.96 -15.02
CA VAL A 319 6.77 -17.96 -13.58
C VAL A 319 6.74 -19.35 -12.95
N THR A 320 7.28 -19.45 -11.74
CA THR A 320 7.28 -20.66 -10.91
C THR A 320 6.80 -20.30 -9.48
N ILE A 321 5.87 -21.09 -8.94
CA ILE A 321 5.31 -20.92 -7.59
C ILE A 321 5.98 -21.93 -6.66
N ALA A 322 6.63 -21.43 -5.61
CA ALA A 322 7.30 -22.28 -4.64
C ALA A 322 6.57 -22.25 -3.29
N TYR A 323 5.94 -23.39 -2.92
CA TYR A 323 5.16 -23.55 -1.70
C TYR A 323 5.78 -24.49 -0.65
N ARG A 324 5.72 -24.05 0.62
CA ARG A 324 6.16 -24.67 1.88
C ARG A 324 5.50 -26.05 2.10
N ARG A 325 4.23 -26.21 1.64
CA ARG A 325 3.44 -27.44 1.81
C ARG A 325 3.07 -28.09 0.46
N GLY A 326 1.93 -28.80 0.40
CA GLY A 326 1.48 -29.50 -0.80
C GLY A 326 0.33 -28.84 -1.55
N ARG A 327 -0.03 -29.42 -2.71
CA ARG A 327 -1.11 -28.95 -3.61
C ARG A 327 -2.46 -28.70 -2.90
N GLU A 328 -2.84 -29.61 -1.97
CA GLU A 328 -4.07 -29.60 -1.18
C GLU A 328 -4.04 -28.61 -0.02
N ASP A 329 -2.83 -28.18 0.39
CA ASP A 329 -2.61 -27.25 1.49
C ASP A 329 -2.75 -25.78 1.08
N MET A 330 -2.71 -25.51 -0.26
CA MET A 330 -2.83 -24.17 -0.85
C MET A 330 -4.14 -23.49 -0.42
N THR A 331 -4.03 -22.23 0.08
CA THR A 331 -5.16 -21.42 0.57
C THR A 331 -5.83 -20.60 -0.54
N ALA A 332 -5.22 -20.51 -1.73
CA ALA A 332 -5.78 -19.79 -2.87
C ALA A 332 -7.08 -20.46 -3.35
N ARG A 333 -7.95 -19.69 -4.03
CA ARG A 333 -9.24 -20.18 -4.57
C ARG A 333 -8.94 -21.24 -5.59
N ILE A 334 -9.54 -22.46 -5.44
CA ILE A 334 -9.30 -23.60 -6.34
C ILE A 334 -9.52 -23.20 -7.83
N GLU A 335 -10.49 -22.30 -8.13
CA GLU A 335 -10.76 -21.74 -9.47
C GLU A 335 -9.57 -20.91 -9.98
N GLU A 336 -8.89 -20.17 -9.08
CA GLU A 336 -7.75 -19.31 -9.47
C GLU A 336 -6.45 -20.11 -9.61
N VAL A 337 -6.35 -21.25 -8.91
CA VAL A 337 -5.22 -22.19 -9.02
C VAL A 337 -5.28 -22.82 -10.42
N LYS A 338 -6.50 -23.17 -10.87
CA LYS A 338 -6.77 -23.74 -12.19
C LYS A 338 -6.39 -22.72 -13.25
N HIS A 339 -6.81 -21.44 -13.08
CA HIS A 339 -6.50 -20.36 -14.01
C HIS A 339 -4.99 -20.14 -14.15
N ALA A 340 -4.21 -20.19 -13.04
CA ALA A 340 -2.76 -20.01 -13.08
C ALA A 340 -2.03 -21.15 -13.83
N GLU A 341 -2.55 -22.40 -13.71
CA GLU A 341 -2.00 -23.59 -14.37
C GLU A 341 -2.21 -23.58 -15.88
N GLU A 342 -3.41 -23.14 -16.32
CA GLU A 342 -3.78 -23.04 -17.75
C GLU A 342 -2.95 -21.94 -18.40
N GLU A 343 -2.74 -20.84 -17.65
CA GLU A 343 -1.96 -19.69 -18.07
C GLU A 343 -0.46 -20.01 -18.13
N GLY A 344 -0.06 -21.12 -17.49
CA GLY A 344 1.30 -21.62 -17.57
C GLY A 344 2.23 -21.47 -16.39
N VAL A 345 1.71 -21.12 -15.20
CA VAL A 345 2.49 -21.01 -13.97
C VAL A 345 2.91 -22.42 -13.53
N LYS A 346 4.21 -22.64 -13.32
CA LYS A 346 4.77 -23.92 -12.85
C LYS A 346 4.68 -24.01 -11.32
N PHE A 347 4.36 -25.20 -10.81
CA PHE A 347 4.23 -25.37 -9.37
C PHE A 347 5.27 -26.26 -8.76
N MET A 348 5.91 -25.72 -7.73
CA MET A 348 6.94 -26.36 -6.93
C MET A 348 6.42 -26.44 -5.48
N PHE A 349 6.20 -27.68 -4.99
CA PHE A 349 5.67 -27.98 -3.65
C PHE A 349 6.72 -28.52 -2.68
N PHE A 350 6.46 -28.33 -1.36
CA PHE A 350 7.27 -28.76 -0.22
C PHE A 350 8.70 -28.20 -0.25
N VAL A 351 8.80 -26.89 -0.53
CA VAL A 351 10.08 -26.18 -0.57
C VAL A 351 10.02 -24.93 0.30
N ASN A 352 11.11 -24.65 1.02
CA ASN A 352 11.19 -23.52 1.93
C ASN A 352 12.49 -22.74 1.74
N PRO A 353 12.44 -21.45 1.32
CA PRO A 353 13.68 -20.68 1.11
C PRO A 353 14.56 -20.63 2.34
N VAL A 354 15.87 -20.84 2.15
CA VAL A 354 16.84 -20.81 3.24
C VAL A 354 17.92 -19.76 2.90
N GLU A 355 17.85 -19.22 1.68
CA GLU A 355 18.76 -18.19 1.16
C GLU A 355 18.31 -17.77 -0.25
N PHE A 356 18.53 -16.49 -0.59
CA PHE A 356 18.36 -15.93 -1.92
C PHE A 356 19.80 -15.60 -2.30
N ILE A 357 20.30 -16.27 -3.36
CA ILE A 357 21.66 -16.11 -3.89
C ILE A 357 21.65 -14.98 -4.93
N GLY A 358 22.75 -14.23 -4.98
CA GLY A 358 22.90 -13.12 -5.90
C GLY A 358 24.31 -12.95 -6.42
N ASP A 359 24.47 -12.05 -7.40
CA ASP A 359 25.76 -11.72 -7.99
C ASP A 359 26.44 -10.58 -7.22
N GLU A 360 27.74 -10.30 -7.52
CA GLU A 360 28.56 -9.24 -6.92
C GLU A 360 27.97 -7.82 -7.11
N ASN A 361 27.03 -7.65 -8.06
CA ASN A 361 26.33 -6.39 -8.32
C ASN A 361 25.08 -6.25 -7.44
N GLY A 362 24.81 -7.27 -6.60
CA GLY A 362 23.66 -7.29 -5.71
C GLY A 362 22.31 -7.52 -6.37
N ASN A 363 22.28 -8.31 -7.45
CA ASN A 363 21.04 -8.66 -8.13
C ASN A 363 20.75 -10.11 -7.79
N VAL A 364 19.46 -10.50 -7.67
CA VAL A 364 19.13 -11.90 -7.37
C VAL A 364 19.46 -12.78 -8.60
N LYS A 365 19.98 -14.02 -8.38
CA LYS A 365 20.29 -14.92 -9.48
C LYS A 365 19.67 -16.27 -9.25
N ALA A 366 19.64 -16.73 -8.00
CA ALA A 366 19.05 -18.02 -7.64
C ALA A 366 18.38 -17.93 -6.28
N VAL A 367 17.53 -18.90 -5.97
CA VAL A 367 16.84 -19.03 -4.69
C VAL A 367 17.18 -20.46 -4.20
N LYS A 368 17.59 -20.59 -2.93
CA LYS A 368 17.95 -21.89 -2.37
C LYS A 368 16.88 -22.33 -1.40
N PHE A 369 16.32 -23.52 -1.66
CA PHE A 369 15.22 -24.11 -0.90
C PHE A 369 15.61 -25.37 -0.15
N GLU A 370 14.99 -25.55 1.02
CA GLU A 370 15.08 -26.76 1.81
C GLU A 370 13.85 -27.59 1.45
N LYS A 371 14.06 -28.88 1.15
CA LYS A 371 12.98 -29.80 0.81
C LYS A 371 12.27 -30.19 2.11
N MET A 372 10.97 -29.88 2.21
CA MET A 372 10.12 -30.15 3.37
C MET A 372 9.37 -31.47 3.22
N LYS A 373 8.88 -32.03 4.34
CA LYS A 373 8.11 -33.29 4.39
C LYS A 373 6.83 -33.14 5.23
N PRO A 374 5.67 -33.66 4.76
CA PRO A 374 4.43 -33.53 5.55
C PRO A 374 4.30 -34.44 6.77
N GLY A 382 -5.02 -26.83 12.60
CA GLY A 382 -3.74 -27.50 12.75
C GLY A 382 -2.65 -26.57 13.23
N LYS A 383 -1.98 -26.96 14.31
CA LYS A 383 -0.90 -26.15 14.88
C LYS A 383 0.39 -26.95 15.07
N ARG A 384 0.57 -27.97 14.24
CA ARG A 384 1.77 -28.81 14.31
C ARG A 384 2.87 -28.38 13.34
N LYS A 385 2.44 -27.90 12.17
CA LYS A 385 3.39 -27.46 11.15
C LYS A 385 4.11 -28.65 10.54
N ILE A 386 5.19 -28.38 9.81
CA ILE A 386 5.97 -29.43 9.17
C ILE A 386 7.44 -29.40 9.59
N VAL A 387 8.26 -30.15 8.86
CA VAL A 387 9.69 -30.21 9.15
C VAL A 387 10.54 -30.38 7.85
N GLY A 388 11.84 -30.02 7.94
CA GLY A 388 12.81 -30.10 6.83
C GLY A 388 13.55 -31.40 6.76
N THR A 389 13.85 -31.88 5.53
CA THR A 389 14.50 -33.17 5.26
C THR A 389 16.05 -33.11 5.25
N GLY A 390 16.60 -31.91 5.40
CA GLY A 390 18.04 -31.70 5.34
C GLY A 390 18.54 -31.73 3.90
N GLU A 391 17.65 -32.10 2.97
CA GLU A 391 17.95 -32.10 1.54
C GLU A 391 17.53 -30.75 0.94
N TYR A 392 18.33 -30.23 0.01
CA TYR A 392 18.09 -28.93 -0.60
C TYR A 392 17.91 -29.00 -2.12
N ILE A 393 17.43 -27.87 -2.71
CA ILE A 393 17.21 -27.66 -4.14
C ILE A 393 17.32 -26.15 -4.46
N THR A 394 18.09 -25.82 -5.50
CA THR A 394 18.32 -24.45 -5.92
C THR A 394 17.75 -24.20 -7.32
N VAL A 395 16.99 -23.07 -7.47
CA VAL A 395 16.41 -22.71 -8.75
C VAL A 395 16.86 -21.30 -9.18
N GLU A 396 17.08 -21.07 -10.48
CA GLU A 396 17.47 -19.76 -10.99
C GLU A 396 16.26 -18.82 -11.00
N ALA A 397 16.49 -17.52 -10.72
CA ALA A 397 15.47 -16.47 -10.70
C ALA A 397 16.06 -15.07 -10.88
N ASP A 398 15.41 -14.25 -11.74
CA ASP A 398 15.80 -12.85 -11.98
C ASP A 398 14.92 -11.92 -11.15
N THR A 399 13.75 -12.40 -10.73
CA THR A 399 12.74 -11.66 -9.94
C THR A 399 12.14 -12.63 -8.92
N VAL A 400 12.07 -12.20 -7.65
CA VAL A 400 11.52 -12.99 -6.55
C VAL A 400 10.41 -12.16 -5.91
N ILE A 401 9.19 -12.72 -5.85
CA ILE A 401 8.04 -12.06 -5.23
C ILE A 401 7.67 -12.81 -3.94
N ILE A 402 7.77 -12.12 -2.76
CA ILE A 402 7.46 -12.71 -1.45
C ILE A 402 5.98 -12.52 -1.14
N ALA A 403 5.28 -13.64 -0.98
CA ALA A 403 3.85 -13.68 -0.69
C ALA A 403 3.58 -14.79 0.38
N ILE A 404 4.20 -14.62 1.57
CA ILE A 404 4.04 -15.57 2.68
C ILE A 404 3.15 -14.95 3.77
N GLY A 405 2.28 -14.04 3.34
CA GLY A 405 1.33 -13.40 4.21
C GLY A 405 1.61 -11.94 4.51
N GLN A 406 0.58 -11.31 5.09
CA GLN A 406 0.48 -9.93 5.53
C GLN A 406 0.00 -9.96 6.97
N THR A 407 0.28 -8.89 7.72
CA THR A 407 -0.05 -8.75 9.14
C THR A 407 -0.50 -7.28 9.45
N PRO A 408 -1.26 -6.98 10.55
CA PRO A 408 -1.54 -5.56 10.87
C PRO A 408 -0.28 -4.85 11.33
N ASN A 409 -0.21 -3.52 11.09
CA ASN A 409 0.91 -2.66 11.48
C ASN A 409 0.98 -2.67 13.03
N LYS A 410 1.81 -3.58 13.58
CA LYS A 410 1.93 -3.79 15.04
C LYS A 410 2.28 -2.53 15.87
N VAL A 411 2.73 -1.44 15.21
CA VAL A 411 3.10 -0.17 15.85
C VAL A 411 2.10 0.99 15.51
N LEU A 412 1.04 0.72 14.72
CA LEU A 412 -0.04 1.63 14.30
C LEU A 412 -0.80 2.29 15.45
N TRP A 413 -1.07 1.50 16.50
CA TRP A 413 -1.85 1.82 17.69
C TRP A 413 -1.04 2.50 18.82
N ARG A 414 0.27 2.73 18.62
CA ARG A 414 1.09 3.33 19.67
C ARG A 414 0.82 4.84 19.88
N ALA A 415 0.02 5.45 19.00
CA ALA A 415 -0.41 6.85 19.14
C ALA A 415 -1.69 6.95 20.03
N THR A 416 -2.35 5.81 20.31
CA THR A 416 -3.55 5.67 21.13
C THR A 416 -3.33 4.42 22.04
N PRO A 417 -2.62 4.54 23.20
CA PRO A 417 -2.38 3.34 24.06
C PRO A 417 -3.64 2.81 24.75
N GLU A 418 -4.66 3.65 24.93
CA GLU A 418 -5.93 3.25 25.54
C GLU A 418 -6.72 2.24 24.68
N LEU A 419 -6.30 2.04 23.40
CA LEU A 419 -6.91 1.09 22.47
C LEU A 419 -6.27 -0.29 22.63
N LYS A 420 -7.04 -1.24 23.18
CA LYS A 420 -6.58 -2.61 23.37
C LYS A 420 -6.36 -3.32 22.01
N VAL A 421 -5.14 -3.89 21.88
CA VAL A 421 -4.60 -4.62 20.73
C VAL A 421 -3.92 -5.89 21.30
N ASP A 422 -4.03 -7.05 20.61
CA ASP A 422 -3.42 -8.31 21.07
C ASP A 422 -1.97 -8.53 20.56
N GLU A 423 -1.40 -9.71 20.87
CA GLU A 423 -0.06 -10.22 20.51
C GLU A 423 0.29 -10.15 19.00
N TRP A 424 -0.71 -10.24 18.09
CA TRP A 424 -0.50 -10.23 16.63
C TRP A 424 -0.75 -8.86 15.95
N GLY A 425 -1.26 -7.90 16.70
CA GLY A 425 -1.58 -6.58 16.19
C GLY A 425 -3.05 -6.39 15.91
N ARG A 426 -3.88 -7.35 16.34
CA ARG A 426 -5.32 -7.31 16.10
C ARG A 426 -6.05 -6.59 17.23
N ILE A 427 -6.93 -5.67 16.86
CA ILE A 427 -7.74 -4.87 17.75
C ILE A 427 -8.76 -5.77 18.45
N VAL A 428 -8.73 -5.78 19.78
CA VAL A 428 -9.65 -6.60 20.57
C VAL A 428 -11.02 -5.89 20.61
N VAL A 429 -12.09 -6.63 20.25
CA VAL A 429 -13.46 -6.10 20.21
C VAL A 429 -14.47 -6.97 20.98
N ASP A 430 -15.55 -6.35 21.45
CA ASP A 430 -16.62 -7.03 22.14
C ASP A 430 -17.66 -7.60 21.13
N GLU A 431 -18.76 -8.22 21.63
CA GLU A 431 -19.81 -8.85 20.83
C GLU A 431 -20.51 -7.91 19.86
N ASN A 432 -20.44 -6.59 20.11
CA ASN A 432 -21.04 -5.54 19.27
C ASN A 432 -19.93 -4.77 18.47
N LEU A 433 -18.73 -5.41 18.40
CA LEU A 433 -17.51 -4.95 17.71
C LEU A 433 -16.93 -3.65 18.30
N MET A 434 -17.27 -3.32 19.56
CA MET A 434 -16.75 -2.12 20.21
C MET A 434 -15.37 -2.37 20.80
N THR A 435 -14.45 -1.42 20.62
CA THR A 435 -13.08 -1.50 21.15
C THR A 435 -13.07 -1.23 22.67
N SER A 436 -11.88 -1.21 23.30
CA SER A 436 -11.70 -0.91 24.73
C SER A 436 -12.07 0.56 25.04
N ILE A 437 -12.15 1.39 23.98
CA ILE A 437 -12.55 2.79 24.02
C ILE A 437 -14.03 2.82 23.61
N PRO A 438 -15.01 3.20 24.48
CA PRO A 438 -16.42 3.32 24.01
C PRO A 438 -16.51 4.44 22.98
N GLY A 439 -17.35 4.24 21.98
CA GLY A 439 -17.50 5.18 20.87
C GLY A 439 -16.64 4.79 19.69
N VAL A 440 -15.71 3.85 19.89
CA VAL A 440 -14.79 3.41 18.86
C VAL A 440 -15.01 1.94 18.60
N PHE A 441 -15.35 1.64 17.36
CA PHE A 441 -15.65 0.28 16.89
C PHE A 441 -14.57 -0.09 15.89
N ALA A 442 -14.46 -1.39 15.53
CA ALA A 442 -13.46 -1.88 14.57
C ALA A 442 -13.85 -3.21 13.95
N GLY A 443 -13.58 -3.35 12.64
CA GLY A 443 -13.86 -4.58 11.91
C GLY A 443 -12.82 -4.93 10.86
N GLY A 444 -13.05 -6.06 10.17
CA GLY A 444 -12.20 -6.56 9.10
C GLY A 444 -10.86 -7.06 9.59
N ASP A 445 -9.86 -7.09 8.70
CA ASP A 445 -8.51 -7.57 9.02
C ASP A 445 -7.86 -6.85 10.24
N ALA A 446 -8.39 -5.69 10.67
CA ALA A 446 -7.87 -4.98 11.85
C ALA A 446 -8.15 -5.79 13.14
N ILE A 447 -9.19 -6.65 13.11
CA ILE A 447 -9.58 -7.46 14.26
C ILE A 447 -9.32 -8.97 14.07
N ARG A 448 -9.45 -9.47 12.83
CA ARG A 448 -9.29 -10.90 12.48
C ARG A 448 -7.90 -11.23 11.96
N GLY A 449 -7.14 -10.22 11.57
CA GLY A 449 -5.89 -10.41 10.84
C GLY A 449 -6.27 -10.68 9.39
N GLU A 450 -5.33 -11.16 8.56
CA GLU A 450 -5.65 -11.45 7.14
C GLU A 450 -6.84 -12.43 7.02
N ALA A 451 -7.96 -11.97 6.42
CA ALA A 451 -9.16 -12.80 6.26
C ALA A 451 -9.84 -12.71 4.86
N THR A 452 -11.18 -12.51 4.78
CA THR A 452 -11.95 -12.48 3.51
C THR A 452 -12.79 -11.20 3.35
N VAL A 453 -13.08 -10.80 2.08
CA VAL A 453 -13.90 -9.63 1.69
C VAL A 453 -15.29 -9.69 2.37
N ILE A 454 -15.90 -10.90 2.42
CA ILE A 454 -17.23 -11.08 3.01
C ILE A 454 -17.22 -10.76 4.51
N LEU A 455 -16.17 -11.23 5.22
CA LEU A 455 -15.95 -10.98 6.63
C LEU A 455 -15.72 -9.48 6.90
N ALA A 456 -15.08 -8.73 5.97
CA ALA A 456 -14.89 -7.28 6.12
C ALA A 456 -16.23 -6.56 5.88
N MET A 457 -16.94 -6.93 4.80
CA MET A 457 -18.25 -6.40 4.43
C MET A 457 -19.18 -6.52 5.67
N GLY A 458 -19.38 -7.74 6.16
CA GLY A 458 -20.21 -8.08 7.31
C GLY A 458 -19.92 -7.32 8.59
N ASP A 459 -18.63 -7.18 8.98
CA ASP A 459 -18.19 -6.44 10.18
C ASP A 459 -18.57 -4.96 10.05
N GLY A 460 -18.40 -4.40 8.83
CA GLY A 460 -18.79 -3.04 8.50
C GLY A 460 -20.29 -2.89 8.65
N ARG A 461 -21.05 -3.89 8.20
CA ARG A 461 -22.50 -3.94 8.33
C ARG A 461 -22.89 -4.00 9.83
N LYS A 462 -22.34 -4.96 10.60
CA LYS A 462 -22.60 -5.12 12.04
C LYS A 462 -22.28 -3.85 12.87
N ALA A 463 -21.07 -3.27 12.66
CA ALA A 463 -20.65 -2.05 13.39
C ALA A 463 -21.54 -0.83 13.13
N ALA A 464 -22.15 -0.74 11.93
CA ALA A 464 -23.07 0.36 11.58
C ALA A 464 -24.37 0.28 12.40
N LYS A 465 -24.80 -0.95 12.77
CA LYS A 465 -25.99 -1.21 13.60
C LYS A 465 -25.70 -0.89 15.05
N ALA A 466 -24.49 -1.26 15.53
CA ALA A 466 -23.99 -1.00 16.89
C ALA A 466 -23.73 0.49 17.12
N ILE A 467 -23.05 1.19 16.17
CA ILE A 467 -22.83 2.64 16.24
C ILE A 467 -24.21 3.34 16.40
N HIS A 468 -25.19 2.94 15.56
CA HIS A 468 -26.56 3.46 15.58
C HIS A 468 -27.24 3.23 16.93
N GLN A 469 -27.11 2.01 17.49
CA GLN A 469 -27.73 1.64 18.75
C GLN A 469 -27.09 2.36 19.94
N TYR A 470 -25.74 2.45 19.94
CA TYR A 470 -24.90 3.13 20.93
C TYR A 470 -25.16 4.64 20.87
N LEU A 471 -25.47 5.19 19.67
CA LEU A 471 -25.80 6.62 19.52
C LEU A 471 -27.32 6.91 19.70
N SER A 472 -28.09 5.92 20.19
CA SER A 472 -29.52 6.09 20.47
C SER A 472 -29.85 6.18 21.98
N LYS A 473 -28.85 5.80 22.84
CA LYS A 473 -28.85 5.83 24.31
C LYS A 473 -27.49 5.32 24.81
N MET B 1 -5.90 19.54 -5.11
CA MET B 1 -6.22 19.55 -3.69
C MET B 1 -5.38 20.52 -2.85
N TYR B 2 -4.05 20.54 -3.06
CA TYR B 2 -3.10 21.37 -2.28
C TYR B 2 -2.43 22.50 -3.10
N LYS B 3 -2.91 23.76 -2.93
CA LYS B 3 -2.48 24.96 -3.66
C LYS B 3 -1.00 25.35 -3.53
N ILE B 4 -0.36 25.52 -4.71
CA ILE B 4 1.02 25.99 -4.81
C ILE B 4 0.95 27.50 -4.62
N LEU B 5 1.11 27.96 -3.36
CA LEU B 5 1.05 29.38 -3.02
C LEU B 5 2.29 30.13 -3.55
N GLU B 6 3.47 29.47 -3.59
CA GLU B 6 4.71 30.07 -4.09
C GLU B 6 5.52 29.05 -4.88
N LYS B 7 6.18 29.51 -5.94
CA LYS B 7 7.04 28.65 -6.76
C LYS B 7 8.16 29.49 -7.39
N LYS B 8 9.42 29.23 -6.98
CA LYS B 8 10.58 29.96 -7.50
C LYS B 8 11.87 29.15 -7.56
N GLU B 9 12.72 29.45 -8.56
CA GLU B 9 14.01 28.81 -8.77
C GLU B 9 15.04 29.50 -7.88
N ILE B 10 15.31 28.91 -6.72
CA ILE B 10 16.21 29.45 -5.70
C ILE B 10 17.69 29.18 -6.01
N ALA B 11 17.99 28.30 -7.01
CA ALA B 11 19.35 27.98 -7.50
C ALA B 11 19.28 27.08 -8.72
N MET B 12 20.46 26.64 -9.24
CA MET B 12 20.52 25.72 -10.39
C MET B 12 19.85 24.39 -10.02
N ARG B 13 18.76 24.03 -10.75
CA ARG B 13 17.99 22.79 -10.57
C ARG B 13 17.38 22.68 -9.14
N ASN B 14 17.05 23.83 -8.51
CA ASN B 14 16.40 23.85 -7.19
C ASN B 14 15.16 24.74 -7.21
N THR B 15 13.96 24.15 -6.95
CA THR B 15 12.70 24.87 -6.90
C THR B 15 12.09 24.84 -5.49
N TRP B 16 11.67 26.01 -5.00
CA TRP B 16 11.01 26.25 -3.73
C TRP B 16 9.49 26.25 -4.00
N TYR B 17 8.76 25.46 -3.23
CA TYR B 17 7.30 25.36 -3.30
C TYR B 17 6.78 25.66 -1.90
N LYS B 18 5.76 26.53 -1.79
CA LYS B 18 5.10 26.81 -0.51
C LYS B 18 3.70 26.28 -0.73
N VAL B 19 3.46 25.08 -0.22
CA VAL B 19 2.22 24.36 -0.43
C VAL B 19 1.24 24.51 0.73
N TYR B 20 -0.05 24.75 0.40
CA TYR B 20 -1.11 24.81 1.40
C TYR B 20 -1.51 23.36 1.69
N ALA B 21 -1.23 22.90 2.92
CA ALA B 21 -1.52 21.55 3.38
C ALA B 21 -1.75 21.64 4.89
N PRO B 22 -2.91 22.20 5.38
CA PRO B 22 -3.08 22.34 6.85
C PRO B 22 -2.98 21.04 7.65
N HIS B 23 -3.34 19.89 7.04
CA HIS B 23 -3.26 18.60 7.75
C HIS B 23 -1.80 18.27 8.14
N VAL B 24 -0.83 18.34 7.19
CA VAL B 24 0.61 18.11 7.43
C VAL B 24 1.24 19.21 8.32
N ALA B 25 1.03 20.51 8.00
CA ALA B 25 1.61 21.65 8.73
C ALA B 25 1.30 21.70 10.23
N LYS B 26 0.09 21.34 10.62
CA LYS B 26 -0.28 21.32 12.05
C LYS B 26 0.39 20.18 12.85
N LYS B 27 0.90 19.13 12.17
CA LYS B 27 1.45 17.98 12.89
C LYS B 27 2.91 17.61 12.60
N VAL B 28 3.51 18.13 11.53
CA VAL B 28 4.88 17.76 11.14
C VAL B 28 5.95 18.11 12.22
N GLN B 29 6.98 17.25 12.34
CA GLN B 29 8.11 17.40 13.28
C GLN B 29 9.44 17.12 12.58
N PRO B 30 10.57 17.78 12.97
CA PRO B 30 11.86 17.51 12.29
C PRO B 30 12.19 16.03 12.08
N GLY B 31 12.53 15.68 10.85
CA GLY B 31 12.81 14.30 10.44
C GLY B 31 11.67 13.70 9.66
N GLN B 32 10.46 14.32 9.74
CA GLN B 32 9.28 13.79 9.04
C GLN B 32 9.16 14.32 7.61
N PHE B 33 8.62 13.48 6.73
CA PHE B 33 8.50 13.76 5.30
C PHE B 33 7.05 13.65 4.78
N VAL B 34 6.89 13.84 3.45
CA VAL B 34 5.62 13.76 2.74
C VAL B 34 5.72 12.94 1.47
N ILE B 35 4.59 12.39 1.01
CA ILE B 35 4.51 11.65 -0.24
C ILE B 35 3.66 12.52 -1.17
N VAL B 36 4.20 12.84 -2.35
CA VAL B 36 3.47 13.67 -3.30
C VAL B 36 3.24 12.99 -4.67
N ARG B 37 2.07 13.25 -5.24
CA ARG B 37 1.69 12.87 -6.59
C ARG B 37 1.22 14.19 -7.20
N ALA B 38 1.92 14.66 -8.22
CA ALA B 38 1.59 15.92 -8.86
C ALA B 38 0.71 15.82 -10.13
N PHE B 39 0.61 14.59 -10.75
CA PHE B 39 -0.10 14.36 -12.02
C PHE B 39 -0.98 13.09 -12.03
N PRO B 40 -2.14 13.09 -12.76
CA PRO B 40 -3.03 11.90 -12.77
C PRO B 40 -2.40 10.53 -13.10
N ASN B 41 -1.44 10.50 -14.02
CA ASN B 41 -0.71 9.31 -14.45
C ASN B 41 0.69 9.27 -13.83
N GLY B 42 0.90 10.11 -12.82
CA GLY B 42 2.19 10.26 -12.15
C GLY B 42 2.47 9.28 -11.05
N GLU B 43 3.73 9.24 -10.59
CA GLU B 43 4.19 8.43 -9.47
C GLU B 43 4.16 9.22 -8.14
N ARG B 44 4.28 8.48 -7.02
CA ARG B 44 4.35 9.02 -5.67
C ARG B 44 5.87 9.15 -5.30
N ILE B 45 6.33 10.39 -4.99
CA ILE B 45 7.75 10.64 -4.62
C ILE B 45 7.89 11.20 -3.21
N PRO B 46 8.92 10.79 -2.42
CA PRO B 46 9.11 11.38 -1.09
C PRO B 46 9.82 12.74 -1.11
N LEU B 47 9.27 13.72 -0.38
CA LEU B 47 9.88 15.05 -0.22
C LEU B 47 9.75 15.49 1.23
N THR B 48 10.62 16.41 1.65
CA THR B 48 10.70 16.85 3.05
C THR B 48 10.22 18.29 3.27
N PRO B 49 9.25 18.51 4.19
CA PRO B 49 8.88 19.89 4.54
C PRO B 49 10.05 20.53 5.29
N VAL B 50 10.67 21.57 4.69
CA VAL B 50 11.83 22.34 5.16
C VAL B 50 11.39 23.35 6.27
N MET B 51 10.25 24.01 6.05
CA MET B 51 9.65 25.00 6.94
C MET B 51 8.15 24.81 6.93
N TRP B 52 7.50 25.26 8.00
CA TRP B 52 6.06 25.18 8.17
C TRP B 52 5.51 26.28 9.07
N ASP B 53 4.26 26.65 8.83
CA ASP B 53 3.51 27.57 9.67
C ASP B 53 2.24 26.82 10.02
N ARG B 54 2.10 26.39 11.29
CA ARG B 54 0.95 25.59 11.76
C ARG B 54 -0.35 26.37 11.69
N GLU B 55 -0.31 27.68 12.06
CA GLU B 55 -1.45 28.59 12.06
C GLU B 55 -1.96 28.85 10.64
N GLU B 56 -1.06 29.29 9.73
CA GLU B 56 -1.35 29.63 8.33
C GLU B 56 -1.58 28.41 7.42
N GLY B 57 -1.17 27.23 7.90
CA GLY B 57 -1.37 25.95 7.23
C GLY B 57 -0.51 25.57 6.04
N TRP B 58 0.64 26.22 5.83
CA TRP B 58 1.50 25.86 4.69
C TRP B 58 2.82 25.13 5.07
N ILE B 59 3.37 24.37 4.10
CA ILE B 59 4.65 23.66 4.21
C ILE B 59 5.56 24.15 3.06
N VAL B 60 6.87 24.10 3.25
CA VAL B 60 7.83 24.47 2.21
C VAL B 60 8.60 23.22 1.81
N LEU B 61 8.62 22.94 0.49
CA LEU B 61 9.34 21.83 -0.11
C LEU B 61 10.30 22.43 -1.13
N ILE B 62 11.55 21.93 -1.14
CA ILE B 62 12.60 22.30 -2.08
C ILE B 62 13.02 21.03 -2.79
N VAL B 63 12.61 20.93 -4.05
CA VAL B 63 12.82 19.77 -4.92
C VAL B 63 14.00 20.03 -5.87
N PHE B 64 14.94 19.07 -5.94
CA PHE B 64 16.09 19.12 -6.87
C PHE B 64 15.63 18.50 -8.20
N THR B 65 15.82 19.24 -9.32
CA THR B 65 15.44 18.79 -10.67
C THR B 65 16.38 17.64 -11.06
N ARG B 66 15.89 16.42 -10.87
CA ARG B 66 16.62 15.18 -11.03
C ARG B 66 16.21 14.34 -12.22
N GLY B 67 14.92 14.30 -12.53
CA GLY B 67 14.38 13.48 -13.62
C GLY B 67 12.98 13.88 -14.02
N LYS B 68 12.21 12.94 -14.60
CA LYS B 68 10.86 13.16 -15.11
C LYS B 68 9.89 13.87 -14.12
N THR B 69 9.57 13.24 -12.95
CA THR B 69 8.62 13.80 -11.98
C THR B 69 9.06 15.17 -11.42
N THR B 70 10.36 15.34 -11.06
CA THR B 70 10.89 16.59 -10.51
C THR B 70 11.02 17.69 -11.59
N MET B 71 11.37 17.32 -12.86
CA MET B 71 11.47 18.24 -13.99
C MET B 71 10.07 18.67 -14.49
N ARG B 72 9.11 17.73 -14.60
CA ARG B 72 7.74 18.06 -15.03
C ARG B 72 7.07 19.02 -14.04
N MET B 73 7.45 18.94 -12.73
CA MET B 73 6.93 19.81 -11.68
C MET B 73 7.50 21.22 -11.84
N ALA B 74 8.77 21.30 -12.26
CA ALA B 74 9.50 22.56 -12.43
C ALA B 74 9.06 23.34 -13.67
N VAL B 75 8.71 22.62 -14.75
CA VAL B 75 8.31 23.16 -16.04
C VAL B 75 6.81 23.43 -16.13
N GLU B 76 5.97 22.40 -15.85
CA GLU B 76 4.52 22.52 -16.00
C GLU B 76 3.76 23.07 -14.77
N LEU B 77 4.40 23.18 -13.57
CA LEU B 77 3.68 23.71 -12.43
C LEU B 77 3.87 25.24 -12.29
N LYS B 78 2.79 25.93 -11.87
CA LYS B 78 2.70 27.37 -11.74
C LYS B 78 2.04 27.77 -10.42
N GLU B 79 2.44 28.93 -9.88
CA GLU B 79 1.92 29.51 -8.65
C GLU B 79 0.40 29.72 -8.83
N GLY B 80 -0.38 28.84 -8.21
CA GLY B 80 -1.83 28.85 -8.32
C GLY B 80 -2.42 27.50 -8.71
N ASP B 81 -1.55 26.60 -9.24
CA ASP B 81 -1.92 25.23 -9.57
C ASP B 81 -1.91 24.48 -8.24
N SER B 82 -2.49 23.28 -8.20
CA SER B 82 -2.56 22.49 -6.98
C SER B 82 -1.88 21.16 -7.16
N LEU B 83 -1.22 20.69 -6.10
CA LEU B 83 -0.62 19.37 -6.05
C LEU B 83 -1.79 18.44 -5.84
N LEU B 84 -1.84 17.30 -6.54
CA LEU B 84 -2.96 16.37 -6.42
C LEU B 84 -3.07 15.74 -5.04
N ASN B 85 -1.95 15.16 -4.56
CA ASN B 85 -1.91 14.43 -3.29
C ASN B 85 -0.64 14.74 -2.54
N VAL B 86 -0.80 15.10 -1.22
CA VAL B 86 0.26 15.41 -0.24
C VAL B 86 -0.08 14.59 0.99
N ALA B 87 0.59 13.46 1.20
CA ALA B 87 0.29 12.59 2.34
C ALA B 87 1.36 12.69 3.42
N GLY B 88 0.90 12.94 4.64
CA GLY B 88 1.81 13.06 5.78
C GLY B 88 1.22 13.65 7.05
N PRO B 89 2.06 13.87 8.09
CA PRO B 89 3.51 13.63 8.15
C PRO B 89 3.85 12.15 8.09
N LEU B 90 5.06 11.81 7.64
CA LEU B 90 5.46 10.40 7.54
C LEU B 90 6.81 10.17 8.17
N GLY B 91 7.01 8.97 8.68
CA GLY B 91 8.26 8.63 9.31
C GLY B 91 8.26 8.96 10.78
N THR B 92 9.37 8.62 11.44
CA THR B 92 9.57 8.84 12.84
C THR B 92 10.25 10.19 12.96
N PRO B 93 9.74 11.08 13.84
CA PRO B 93 10.42 12.35 14.07
C PRO B 93 11.79 12.10 14.73
N VAL B 94 12.79 12.89 14.33
CA VAL B 94 14.15 12.86 14.87
C VAL B 94 14.11 13.13 16.40
N PRO B 95 14.81 12.30 17.22
CA PRO B 95 14.84 12.57 18.68
C PRO B 95 15.38 13.97 19.01
N MET B 96 14.63 14.71 19.86
CA MET B 96 14.95 16.06 20.33
C MET B 96 15.60 15.97 21.68
N GLU B 97 16.86 15.52 21.68
CA GLU B 97 17.68 15.21 22.84
C GLU B 97 18.88 16.15 22.96
N LYS B 98 19.45 16.26 24.19
CA LYS B 98 20.63 17.08 24.44
C LYS B 98 21.88 16.26 24.14
N PHE B 99 22.34 16.32 22.89
CA PHE B 99 23.53 15.62 22.41
C PHE B 99 24.81 16.45 22.64
N GLY B 100 24.73 17.77 22.46
CA GLY B 100 25.82 18.70 22.66
C GLY B 100 26.32 19.34 21.38
N LYS B 101 27.60 19.11 21.07
CA LYS B 101 28.28 19.63 19.89
C LYS B 101 27.98 18.68 18.72
N ILE B 102 27.14 19.14 17.75
CA ILE B 102 26.69 18.39 16.58
C ILE B 102 27.23 18.93 15.25
N LEU B 103 27.70 18.02 14.37
CA LEU B 103 28.07 18.37 13.00
C LEU B 103 27.00 17.74 12.11
N ALA B 104 26.16 18.60 11.50
CA ALA B 104 25.09 18.19 10.61
C ALA B 104 25.50 18.51 9.17
N ILE B 105 25.73 17.47 8.36
CA ILE B 105 26.21 17.58 6.98
C ILE B 105 25.10 17.39 5.99
N GLY B 106 25.14 18.18 4.92
CA GLY B 106 24.20 18.09 3.81
C GLY B 106 24.95 18.14 2.51
N ALA B 107 24.91 17.06 1.73
CA ALA B 107 25.57 17.03 0.42
C ALA B 107 24.47 17.34 -0.59
N TYR B 108 24.74 18.28 -1.53
CA TYR B 108 23.78 18.74 -2.55
C TYR B 108 22.48 19.26 -1.93
N THR B 109 21.31 18.89 -2.48
CA THR B 109 20.01 19.33 -1.95
C THR B 109 19.70 18.64 -0.60
N GLY B 110 20.64 17.83 -0.08
CA GLY B 110 20.53 17.20 1.23
C GLY B 110 20.44 18.16 2.41
N ILE B 111 21.01 19.39 2.27
CA ILE B 111 21.00 20.47 3.29
C ILE B 111 19.57 20.96 3.62
N VAL B 112 18.62 20.68 2.72
CA VAL B 112 17.22 21.04 2.80
C VAL B 112 16.54 20.18 3.85
N GLU B 113 17.07 18.96 4.05
CA GLU B 113 16.60 18.01 5.03
C GLU B 113 17.40 18.18 6.33
N VAL B 114 18.57 18.82 6.28
CA VAL B 114 19.37 19.12 7.46
C VAL B 114 18.71 20.33 8.17
N TYR B 115 18.22 21.29 7.40
CA TYR B 115 17.64 22.53 7.93
C TYR B 115 16.55 22.31 9.02
N PRO B 116 15.36 21.65 8.81
CA PRO B 116 14.40 21.49 9.92
C PRO B 116 14.97 20.83 11.18
N ILE B 117 15.85 19.83 10.98
CA ILE B 117 16.49 19.06 12.04
C ILE B 117 17.47 19.90 12.83
N ALA B 118 18.50 20.46 12.17
CA ALA B 118 19.55 21.31 12.75
C ALA B 118 19.01 22.49 13.57
N LYS B 119 17.91 23.13 13.08
CA LYS B 119 17.28 24.28 13.69
C LYS B 119 16.68 23.90 15.03
N ALA B 120 15.97 22.76 15.09
CA ALA B 120 15.33 22.31 16.32
C ALA B 120 16.34 21.86 17.38
N TRP B 121 17.46 21.24 16.94
CA TRP B 121 18.57 20.79 17.79
C TRP B 121 19.21 21.99 18.49
N GLN B 122 19.45 23.08 17.70
CA GLN B 122 19.99 24.35 18.18
C GLN B 122 19.03 25.01 19.19
N GLU B 123 17.72 25.09 18.88
CA GLU B 123 16.71 25.64 19.78
C GLU B 123 16.65 24.88 21.11
N ILE B 124 16.78 23.55 21.10
CA ILE B 124 16.73 22.76 22.35
C ILE B 124 18.05 22.88 23.19
N GLY B 125 19.04 23.63 22.69
CA GLY B 125 20.29 23.86 23.41
C GLY B 125 21.54 23.16 22.92
N ASN B 126 21.51 22.55 21.70
CA ASN B 126 22.68 21.89 21.12
C ASN B 126 23.52 22.93 20.35
N ASP B 127 24.84 22.72 20.34
CA ASP B 127 25.83 23.58 19.68
C ASP B 127 26.10 23.03 18.27
N VAL B 128 25.15 23.29 17.38
CA VAL B 128 25.15 22.79 16.01
C VAL B 128 26.03 23.58 15.02
N THR B 129 26.86 22.84 14.26
CA THR B 129 27.69 23.32 13.16
C THR B 129 27.16 22.63 11.89
N THR B 130 26.60 23.41 10.97
CA THR B 130 26.08 22.83 9.74
C THR B 130 27.16 22.88 8.63
N LEU B 131 27.14 21.89 7.73
CA LEU B 131 28.08 21.85 6.63
C LEU B 131 27.39 21.47 5.33
N HIS B 132 27.57 22.29 4.27
CA HIS B 132 26.97 22.09 2.96
C HIS B 132 28.00 21.96 1.85
N VAL B 133 28.14 20.76 1.25
CA VAL B 133 29.08 20.54 0.14
C VAL B 133 28.24 20.25 -1.13
N THR B 134 28.40 21.07 -2.18
CA THR B 134 27.63 21.00 -3.44
C THR B 134 28.38 21.77 -4.55
N PHE B 135 27.80 21.86 -5.76
CA PHE B 135 28.40 22.64 -6.83
C PHE B 135 28.13 24.11 -6.55
N GLU B 136 29.06 25.01 -6.99
CA GLU B 136 28.98 26.46 -6.75
C GLU B 136 27.62 27.09 -7.24
N PRO B 137 26.96 26.71 -8.38
CA PRO B 137 25.65 27.34 -8.71
C PRO B 137 24.47 26.78 -7.92
N MET B 138 24.69 25.68 -7.15
CA MET B 138 23.67 24.98 -6.37
C MET B 138 23.59 25.40 -4.90
N VAL B 139 24.38 26.42 -4.48
CA VAL B 139 24.37 26.92 -3.11
C VAL B 139 22.96 27.46 -2.76
N ILE B 140 22.35 26.86 -1.72
CA ILE B 140 21.01 27.19 -1.21
C ILE B 140 20.96 27.31 0.31
N LEU B 141 19.99 28.11 0.82
CA LEU B 141 19.67 28.34 2.25
C LEU B 141 20.86 28.81 3.10
N LYS B 142 21.78 29.63 2.54
CA LYS B 142 22.95 30.14 3.27
C LYS B 142 22.56 31.02 4.46
N GLU B 143 21.76 32.08 4.19
CA GLU B 143 21.25 33.03 5.18
C GLU B 143 20.45 32.35 6.29
N GLU B 144 19.53 31.47 5.92
CA GLU B 144 18.70 30.77 6.90
C GLU B 144 19.56 29.89 7.82
N LEU B 145 20.26 28.93 7.21
CA LEU B 145 21.12 28.03 7.96
C LEU B 145 22.20 28.79 8.72
N GLU B 146 22.18 30.11 8.60
CA GLU B 146 23.16 30.95 9.26
C GLU B 146 22.67 31.39 10.64
N LYS B 147 21.67 30.69 11.15
CA LYS B 147 21.10 31.01 12.46
C LYS B 147 21.48 29.95 13.49
N ALA B 148 22.74 29.54 13.48
CA ALA B 148 23.23 28.53 14.40
C ALA B 148 24.64 28.88 14.91
N VAL B 149 25.30 27.91 15.52
CA VAL B 149 26.64 28.11 16.05
C VAL B 149 27.56 28.71 15.00
N THR B 150 27.64 28.05 13.84
CA THR B 150 28.48 28.51 12.75
C THR B 150 28.33 27.62 11.51
N ARG B 151 28.20 28.26 10.35
CA ARG B 151 28.05 27.53 9.10
C ARG B 151 29.25 27.61 8.18
N HIS B 152 29.44 26.57 7.36
CA HIS B 152 30.60 26.49 6.48
C HIS B 152 29.90 26.12 5.19
N ILE B 153 30.39 26.58 4.07
CA ILE B 153 29.86 26.19 2.76
C ILE B 153 31.14 25.86 1.99
N VAL B 154 31.27 24.61 1.58
CA VAL B 154 32.46 24.16 0.82
C VAL B 154 31.87 23.82 -0.58
N GLU B 155 32.14 24.67 -1.59
CA GLU B 155 31.47 24.57 -2.89
C GLU B 155 32.34 24.13 -4.11
N PRO B 156 32.50 22.83 -4.50
CA PRO B 156 33.29 22.52 -5.70
C PRO B 156 32.75 23.08 -7.02
N VAL B 157 33.65 23.23 -7.96
CA VAL B 157 33.38 23.74 -9.29
C VAL B 157 32.67 22.72 -10.19
N PRO B 158 31.59 23.09 -10.92
CA PRO B 158 31.05 22.17 -11.93
C PRO B 158 31.81 22.46 -13.23
N LEU B 159 32.93 21.74 -13.41
CA LEU B 159 33.79 21.89 -14.58
C LEU B 159 33.08 21.32 -15.81
N ASN B 160 32.92 22.18 -16.82
CA ASN B 160 32.34 21.96 -18.15
C ASN B 160 33.15 20.96 -19.02
N PRO B 161 34.51 20.93 -19.03
CA PRO B 161 35.20 19.91 -19.83
C PRO B 161 35.38 18.60 -19.04
N ASN B 162 34.63 18.47 -17.92
CA ASN B 162 34.61 17.30 -17.06
C ASN B 162 33.20 16.69 -17.19
N GLN B 163 33.08 15.34 -17.14
CA GLN B 163 31.78 14.66 -17.24
C GLN B 163 31.02 14.75 -15.90
N ASP B 164 30.10 13.85 -15.63
CA ASP B 164 29.27 13.92 -14.44
C ASP B 164 29.92 13.41 -13.14
N PHE B 165 30.69 12.30 -13.14
CA PHE B 165 31.17 11.77 -11.86
C PHE B 165 32.70 11.47 -11.71
N LEU B 166 33.19 10.24 -12.05
CA LEU B 166 34.59 9.77 -11.88
C LEU B 166 35.49 9.85 -13.14
N ALA B 167 36.86 9.85 -13.02
CA ALA B 167 37.73 9.72 -11.83
C ALA B 167 37.80 10.95 -10.92
N ASN B 168 37.53 12.14 -11.48
CA ASN B 168 37.52 13.44 -10.79
C ASN B 168 36.70 14.43 -11.66
N LYS B 170 33.74 15.65 -10.68
CA LYS B 170 33.17 16.43 -9.60
C LYS B 170 31.80 16.00 -9.07
N ASN B 171 31.17 14.86 -9.49
CA ASN B 171 30.06 14.38 -8.66
C ASN B 171 30.93 13.76 -7.54
N VAL B 172 32.27 13.78 -7.81
CA VAL B 172 33.44 13.50 -6.96
C VAL B 172 33.75 14.96 -6.46
N SER B 173 32.76 15.52 -5.67
CA SER B 173 32.75 16.74 -4.85
C SER B 173 32.67 16.09 -3.45
N GLN B 174 32.72 14.75 -3.48
CA GLN B 174 32.72 13.81 -2.38
C GLN B 174 34.11 13.65 -1.83
N ARG B 175 35.12 14.02 -2.63
CA ARG B 175 36.53 14.00 -2.26
C ARG B 175 36.77 15.10 -1.24
N LEU B 176 36.20 16.30 -1.47
CA LEU B 176 36.36 17.45 -0.58
C LEU B 176 35.54 17.34 0.68
N LYS B 177 34.35 16.72 0.58
CA LYS B 177 33.46 16.45 1.71
C LYS B 177 34.15 15.48 2.69
N GLU B 178 34.90 14.52 2.13
CA GLU B 178 35.68 13.54 2.87
C GLU B 178 36.88 14.26 3.52
N LYS B 179 37.49 15.20 2.79
CA LYS B 179 38.65 15.98 3.25
C LYS B 179 38.27 16.94 4.37
N VAL B 180 37.16 17.71 4.20
CA VAL B 180 36.67 18.69 5.18
C VAL B 180 36.06 17.98 6.42
N ARG B 181 35.61 16.70 6.28
CA ARG B 181 35.10 15.89 7.40
C ARG B 181 36.09 15.81 8.53
N GLU B 182 37.39 15.97 8.23
CA GLU B 182 38.41 16.04 9.26
C GLU B 182 38.43 17.49 9.90
N LEU B 183 37.20 17.87 10.38
CA LEU B 183 36.72 18.97 11.22
C LEU B 183 36.83 18.32 12.59
N LEU B 184 36.95 16.97 12.53
CA LEU B 184 37.33 15.97 13.52
C LEU B 184 38.85 16.18 13.48
N GLU B 185 39.55 16.01 14.60
CA GLU B 185 40.99 16.28 14.70
C GLU B 185 41.31 17.76 14.95
N SER B 186 40.33 18.65 14.77
CA SER B 186 40.50 20.06 15.07
C SER B 186 39.47 20.46 16.13
N GLU B 187 38.38 19.69 16.27
CA GLU B 187 37.30 19.92 17.22
C GLU B 187 36.71 18.60 17.79
N ASP B 188 36.07 18.71 18.97
CA ASP B 188 35.40 17.63 19.70
C ASP B 188 33.92 17.61 19.34
N TRP B 189 33.41 16.45 18.93
CA TRP B 189 32.02 16.32 18.49
C TRP B 189 31.35 15.23 19.28
N ASP B 190 30.02 15.38 19.52
CA ASP B 190 29.22 14.40 20.27
C ASP B 190 28.29 13.63 19.33
N LEU B 191 27.98 14.25 18.16
CA LEU B 191 27.10 13.67 17.15
C LEU B 191 27.39 14.16 15.75
N VAL B 192 27.42 13.22 14.79
CA VAL B 192 27.60 13.51 13.37
C VAL B 192 26.29 13.10 12.67
N PHE B 193 25.74 13.98 11.85
CA PHE B 193 24.50 13.70 11.13
C PHE B 193 24.74 14.00 9.66
N MET B 194 24.24 13.13 8.75
CA MET B 194 24.45 13.36 7.31
C MET B 194 23.28 12.99 6.40
N VAL B 195 22.99 13.93 5.50
CA VAL B 195 22.02 13.76 4.42
C VAL B 195 22.86 13.86 3.15
N GLY B 196 22.93 12.76 2.41
CA GLY B 196 23.70 12.76 1.19
C GLY B 196 23.58 11.45 0.46
N PRO B 197 24.16 11.35 -0.79
CA PRO B 197 24.06 10.08 -1.54
C PRO B 197 24.70 8.97 -0.72
N VAL B 198 24.10 7.76 -0.75
CA VAL B 198 24.49 6.58 0.03
C VAL B 198 26.03 6.34 0.01
N GLY B 199 26.65 6.34 -1.17
CA GLY B 199 28.09 6.18 -1.32
C GLY B 199 28.88 7.23 -0.55
N ASP B 200 28.31 8.44 -0.47
CA ASP B 200 28.92 9.58 0.24
C ASP B 200 28.73 9.42 1.74
N GLN B 201 27.61 8.80 2.16
CA GLN B 201 27.34 8.51 3.57
C GLN B 201 28.35 7.45 4.03
N LYS B 202 28.66 6.43 3.17
CA LYS B 202 29.62 5.37 3.51
C LYS B 202 31.03 5.90 3.70
N GLN B 203 31.50 6.69 2.74
CA GLN B 203 32.83 7.33 2.75
C GLN B 203 33.05 8.24 3.96
N VAL B 204 32.02 9.02 4.32
CA VAL B 204 32.08 9.92 5.48
C VAL B 204 32.09 9.09 6.79
N PHE B 205 31.19 8.10 6.89
CA PHE B 205 31.09 7.21 8.05
C PHE B 205 32.40 6.46 8.29
N GLU B 206 33.12 6.07 7.22
CA GLU B 206 34.40 5.36 7.33
C GLU B 206 35.44 6.25 8.04
N VAL B 207 35.31 7.60 7.88
CA VAL B 207 36.18 8.62 8.45
C VAL B 207 35.80 8.86 9.92
N VAL B 208 34.52 9.17 10.18
CA VAL B 208 33.96 9.38 11.54
C VAL B 208 34.18 8.11 12.42
N LYS B 209 34.09 6.89 11.85
CA LYS B 209 34.31 5.61 12.52
C LYS B 209 35.73 5.50 13.15
N GLU B 210 36.77 6.05 12.48
CA GLU B 210 38.17 6.08 12.95
C GLU B 210 38.32 6.88 14.27
N TYR B 211 37.27 7.64 14.62
CA TYR B 211 37.05 8.38 15.85
C TYR B 211 35.84 7.66 16.51
N GLY B 212 35.55 7.91 17.78
CA GLY B 212 34.42 7.17 18.34
C GLY B 212 33.10 7.92 18.36
N VAL B 213 32.92 8.87 17.40
CA VAL B 213 31.74 9.76 17.42
C VAL B 213 30.47 9.08 16.90
N PRO B 214 29.38 9.09 17.71
CA PRO B 214 28.10 8.50 17.26
C PRO B 214 27.62 9.23 16.02
N MET B 215 26.99 8.50 15.09
CA MET B 215 26.53 9.05 13.82
C MET B 215 25.11 8.58 13.44
N LYS B 216 24.24 9.53 12.99
CA LYS B 216 22.88 9.31 12.50
C LYS B 216 22.91 9.62 11.01
N VAL B 217 22.11 8.89 10.21
CA VAL B 217 22.01 9.10 8.74
C VAL B 217 20.55 9.08 8.27
N ASP B 218 20.20 10.02 7.39
CA ASP B 218 18.88 10.14 6.75
C ASP B 218 18.98 9.24 5.51
N LEU B 219 18.40 8.05 5.62
CA LEU B 219 18.46 7.05 4.58
C LEU B 219 17.37 7.24 3.51
N HIS B 220 17.77 7.17 2.22
CA HIS B 220 16.87 7.38 1.10
C HIS B 220 16.59 6.14 0.21
N PRO B 221 16.06 5.00 0.71
CA PRO B 221 15.71 3.91 -0.22
C PRO B 221 14.48 4.31 -1.05
N ILE B 222 14.10 3.47 -2.05
CA ILE B 222 12.96 3.75 -2.92
C ILE B 222 11.70 3.68 -2.07
N MET B 223 10.72 4.57 -2.31
CA MET B 223 9.47 4.55 -1.54
C MET B 223 8.25 4.55 -2.47
N VAL B 224 7.18 3.83 -2.10
CA VAL B 224 5.95 3.81 -2.90
C VAL B 224 4.82 4.44 -2.05
N ASP B 225 4.30 3.71 -1.03
CA ASP B 225 3.20 4.11 -0.13
C ASP B 225 3.64 5.09 0.97
N GLY B 226 4.79 4.83 1.59
CA GLY B 226 5.31 5.61 2.72
C GLY B 226 4.58 5.36 4.04
N THR B 227 3.81 4.24 4.14
CA THR B 227 2.98 3.89 5.32
C THR B 227 3.24 2.47 5.90
N GLY B 228 4.27 1.79 5.41
CA GLY B 228 4.70 0.49 5.92
C GLY B 228 4.02 -0.74 5.37
N MET B 229 3.30 -0.58 4.26
CA MET B 229 2.56 -1.68 3.66
C MET B 229 3.15 -2.27 2.35
N CYS B 230 4.46 -2.10 2.06
CA CYS B 230 5.03 -2.64 0.81
C CYS B 230 6.50 -3.13 0.92
N GLY B 231 7.24 -2.59 1.86
CA GLY B 231 8.63 -2.99 2.11
C GLY B 231 9.68 -2.64 1.08
N ALA B 232 9.40 -1.66 0.15
CA ALA B 232 10.36 -1.17 -0.86
C ALA B 232 11.52 -0.43 -0.24
N CYS B 233 11.23 0.25 0.87
CA CYS B 233 12.11 1.10 1.67
C CYS B 233 12.89 0.32 2.75
N ARG B 234 12.77 -1.03 2.77
CA ARG B 234 13.44 -1.88 3.75
C ARG B 234 14.93 -1.72 3.79
N VAL B 235 15.48 -1.72 5.00
CA VAL B 235 16.91 -1.59 5.30
C VAL B 235 17.21 -2.59 6.45
N THR B 236 18.42 -3.20 6.44
CA THR B 236 18.88 -4.10 7.52
C THR B 236 19.60 -3.20 8.51
N VAL B 237 18.93 -2.91 9.64
CA VAL B 237 19.40 -2.04 10.73
C VAL B 237 19.61 -2.91 11.99
N GLY B 238 20.85 -2.98 12.47
CA GLY B 238 21.24 -3.79 13.63
C GLY B 238 21.03 -5.27 13.41
N GLY B 239 21.02 -5.71 12.13
CA GLY B 239 20.78 -7.08 11.72
C GLY B 239 19.32 -7.38 11.43
N GLU B 240 18.41 -6.45 11.79
CA GLU B 240 16.96 -6.56 11.64
C GLU B 240 16.44 -5.84 10.40
N VAL B 241 15.43 -6.41 9.75
CA VAL B 241 14.79 -5.81 8.58
C VAL B 241 13.80 -4.74 9.10
N LYS B 242 14.09 -3.46 8.80
CA LYS B 242 13.31 -2.29 9.20
C LYS B 242 12.76 -1.57 7.95
N PHE B 243 11.71 -0.76 8.09
CA PHE B 243 11.15 -0.01 6.95
C PHE B 243 11.43 1.49 7.18
N ALA B 244 12.25 2.11 6.33
CA ALA B 244 12.62 3.53 6.48
C ALA B 244 11.46 4.54 6.51
N CYS B 245 10.30 4.24 5.89
CA CYS B 245 9.13 5.15 5.90
C CYS B 245 8.39 5.11 7.25
N VAL B 246 8.67 4.07 8.06
CA VAL B 246 8.04 3.86 9.35
C VAL B 246 9.00 4.13 10.48
N ASP B 247 10.16 3.47 10.47
CA ASP B 247 11.20 3.51 11.51
C ASP B 247 12.21 4.63 11.35
N GLY B 248 12.34 5.11 10.11
CA GLY B 248 13.25 6.17 9.74
C GLY B 248 12.57 7.46 9.35
N PRO B 249 13.12 8.26 8.40
CA PRO B 249 14.32 8.03 7.55
C PRO B 249 15.65 7.89 8.27
N GLU B 250 15.76 8.37 9.52
CA GLU B 250 17.02 8.36 10.25
C GLU B 250 17.27 7.06 10.98
N PHE B 251 18.55 6.63 10.95
CA PHE B 251 19.06 5.40 11.54
C PHE B 251 20.49 5.64 11.98
N ASP B 252 20.98 4.86 12.96
CA ASP B 252 22.36 4.92 13.46
C ASP B 252 23.31 4.35 12.39
N ALA B 253 24.23 5.21 11.87
CA ALA B 253 25.21 4.88 10.80
C ALA B 253 26.12 3.67 11.09
N TYR B 254 26.25 3.30 12.36
CA TYR B 254 27.03 2.13 12.80
C TYR B 254 26.21 0.84 12.76
N GLN B 255 24.86 0.96 12.59
CA GLN B 255 23.92 -0.18 12.53
C GLN B 255 23.47 -0.54 11.09
N VAL B 256 23.79 0.29 10.10
CA VAL B 256 23.41 0.16 8.68
C VAL B 256 24.36 -0.78 7.85
N ASP B 257 23.81 -1.56 6.91
CA ASP B 257 24.57 -2.42 6.01
C ASP B 257 24.82 -1.62 4.72
N TRP B 258 25.88 -0.77 4.73
CA TRP B 258 26.24 0.15 3.64
C TRP B 258 26.35 -0.50 2.27
N ASP B 259 27.07 -1.63 2.16
CA ASP B 259 27.25 -2.37 0.91
C ASP B 259 25.92 -2.77 0.29
N GLU B 260 24.96 -3.20 1.12
CA GLU B 260 23.62 -3.58 0.65
C GLU B 260 22.88 -2.36 0.06
N LEU B 261 22.78 -1.24 0.81
CA LEU B 261 22.06 -0.04 0.34
C LEU B 261 22.71 0.57 -0.92
N ILE B 262 24.05 0.47 -1.06
CA ILE B 262 24.82 0.94 -2.22
C ILE B 262 24.39 0.22 -3.53
N HIS B 263 24.25 -1.12 -3.51
CA HIS B 263 23.80 -1.91 -4.66
C HIS B 263 22.36 -1.57 -5.06
N ARG B 264 21.54 -1.11 -4.10
CA ARG B 264 20.14 -0.76 -4.27
C ARG B 264 19.95 0.69 -4.72
N VAL B 265 21.00 1.35 -5.25
CA VAL B 265 20.92 2.77 -5.62
C VAL B 265 20.21 3.02 -7.00
N GLY B 266 20.72 2.44 -8.08
CA GLY B 266 20.17 2.66 -9.41
C GLY B 266 19.57 1.45 -10.08
N PHE B 267 18.71 0.71 -9.33
CA PHE B 267 18.02 -0.48 -9.83
C PHE B 267 17.03 -0.09 -10.93
N TYR B 268 16.43 1.12 -10.80
CA TYR B 268 15.48 1.62 -11.79
C TYR B 268 16.10 2.56 -12.83
N ALA B 269 17.44 2.80 -12.77
CA ALA B 269 18.20 3.71 -13.64
C ALA B 269 17.79 3.70 -15.12
N LYS B 270 17.76 2.49 -15.76
CA LYS B 270 17.38 2.30 -17.16
C LYS B 270 15.99 2.86 -17.45
N LEU B 271 15.00 2.52 -16.61
CA LEU B 271 13.63 3.02 -16.76
C LEU B 271 13.59 4.51 -16.45
N GLU B 272 14.43 4.97 -15.49
CA GLU B 272 14.47 6.38 -15.08
C GLU B 272 14.96 7.28 -16.23
N LYS B 273 16.06 6.88 -16.93
CA LYS B 273 16.56 7.61 -18.10
C LYS B 273 15.57 7.54 -19.26
N LEU B 274 14.85 6.41 -19.39
CA LEU B 274 13.80 6.22 -20.41
C LEU B 274 12.66 7.24 -20.21
N ALA B 275 12.15 7.35 -18.96
CA ALA B 275 11.09 8.27 -18.55
C ALA B 275 11.46 9.74 -18.82
N LEU B 276 12.71 10.16 -18.48
CA LEU B 276 13.21 11.52 -18.72
C LEU B 276 13.29 11.76 -20.24
N GLU B 277 14.06 10.91 -20.97
CA GLU B 277 14.23 10.97 -22.43
C GLU B 277 12.92 11.28 -23.16
N LYS B 278 11.86 10.49 -22.89
CA LYS B 278 10.54 10.63 -23.52
C LYS B 278 9.90 11.99 -23.22
N TYR B 279 9.95 12.45 -21.95
CA TYR B 279 9.41 13.75 -21.54
C TYR B 279 10.18 14.92 -22.14
N MET B 280 11.54 14.85 -22.14
CA MET B 280 12.46 15.84 -22.73
C MET B 280 12.08 16.17 -24.18
N GLU B 281 11.42 15.22 -24.88
CA GLU B 281 10.96 15.38 -26.26
C GLU B 281 9.74 16.34 -26.37
N GLU B 282 9.67 17.33 -25.43
CA GLU B 282 8.66 18.39 -25.35
C GLU B 282 9.13 19.58 -26.23
N LEU B 283 9.09 19.37 -27.55
CA LEU B 283 9.48 20.37 -28.53
C LEU B 283 8.23 21.07 -29.08
#